data_9GDI
#
_entry.id   9GDI
#
_cell.length_a   90.474
_cell.length_b   108.618
_cell.length_c   142.402
_cell.angle_alpha   90.00
_cell.angle_beta   90.00
_cell.angle_gamma   90.00
#
_symmetry.space_group_name_H-M   'P 21 21 21'
#
loop_
_entity.id
_entity.type
_entity.pdbx_description
1 polymer 'Phosphatidylinositol 4,5-bisphosphate 3-kinase catalytic subunit delta isoform'
2 polymer 'Phosphatidylinositol 3-kinase regulatory subunit alpha'
3 non-polymer 3-[(1S)-1-[4-azanyl-3-(3-fluoranyl-5-oxidanyl-phenyl)pyrazolo[3,4-d]pyrimidin-1-yl]ethyl]-4-(1-methyl-3,6-dihydro-2H-pyridin-4-yl)isochromen-1-one
4 non-polymer 'CHLORIDE ION'
5 water water
#
loop_
_entity_poly.entity_id
_entity_poly.type
_entity_poly.pdbx_seq_one_letter_code
_entity_poly.pdbx_strand_id
1 'polypeptide(L)'
;MPPGVDCPMEFWTKEENQSVVVDFLLPTGVYLNFPVSRNANLSTIKQLLWHRAQYEPLFHMLSGPEAYVFTCINQTAEQQ
ELEDEQRRLCDVQPFLPVLRLVAREGDRVKKLINSQISLLIGKGLHEFDSLCDPEVNDFRAKMCQFCEEAAARRQQLGWE
AWLQYSFPLQLEPSAQTWGPGTLRLPNRALLVNVKFEGSEESFTFQVSTKDVPLALMACALRKKATVFRQPLVEQPEDYT
LQVNGRHEYLYGSYPLCQFQYICSCLHSGLTPHLTMVHSSSILAMRDEQSNPAPQVQKPRAKPPPIPAKKPSSVSLWSLE
QPFRIELIQGSKVNADERMKLVVQAGLFHGNEMLCKTVSSSEVSVCSEPVWKQRLEFDINICDLPRMARLCFALYAVIEK
AKKARSTKKKSKKADCPIAWANLMLFDYKDQLKTGERCLYMWPSVPDEKGELLNPTGTVRSNPNTDSAAALLICLPEVAP
HPVYYPALEKILELGRHSECVHVTEEEQLQLREILERRGSGELYEHEKDLVWKLRHEVQEHFPEALARLLLVTKWNKHED
VAQMLYLLCSWPELPVLSALELLDFSFPDCHVGSFAIKSLRKLTDDELFQYLLQLVQVLKYESYLDCELTKFLLDRALAN
RKIGHFLFWHLRSEMHVPSVALRFGLILEAYCRGSTHHMKVLMKQGEALSKLKALNDFVKLSSQKTPKPQTKELMHLCMR
QEAYLEALSHLQSPLDPSTLLAEVCVEQCTFMDSKMKPLWIMYSNEEAGSGGSVGIIFKNGDDLRQDMLTLQMIQLMDVL
WKQEGLDLRMTPYGCLPTGDRTGLIEVVLRSDTIANIQLNKSNMAATAAFNKDALLNWLKSKNPGEALDRAIEEFTLSCA
GYCVATYVLGIGDRHSDNIMIRESGQLFHIDFGHFLGNFKTKFGINRERVPFILTYDFVHVIQQGKTNNSEKFERFRGYC
ERAYTILRRHGLLFLHLFALMRAAGLPELSCSKDIQYLKDSLALGKTEEEALKHFRVKFNEALRESWKTKVNWLAHNVSK
DNRQ
;
A
2 'polypeptide(L)'
;YQQDQVVKEDNIEAVGKKLHEYNTQFQEKSREYDRLYEDYTRTSQEIQMKRTAIEAFNETIKIFEEQCQTQERYSKEYIE
KFKREGNETEIQRIMHNYEKLKSRISEIVDSRRRLEEDLKKQAAEYREIDKRMNSIKPDLIQLRKTRDQYLMWLTQKGVR
QKKLNEWLGN
;
B
#
loop_
_chem_comp.id
_chem_comp.type
_chem_comp.name
_chem_comp.formula
A1IJ1 non-polymer 3-[(1S)-1-[4-azanyl-3-(3-fluoranyl-5-oxidanyl-phenyl)pyrazolo[3,4-d]pyrimidin-1-yl]ethyl]-4-(1-methyl-3,6-dihydro-2H-pyridin-4-yl)isochromen-1-one 'C28 H25 F N6 O3'
CL non-polymer 'CHLORIDE ION' 'Cl -1'
#
# COMPACT_ATOMS: atom_id res chain seq x y z
N ASN A 17 -25.50 -7.40 24.72
CA ASN A 17 -26.85 -6.83 24.94
C ASN A 17 -27.35 -6.03 23.74
N GLN A 18 -28.67 -6.01 23.56
CA GLN A 18 -29.31 -5.33 22.42
C GLN A 18 -29.34 -3.82 22.61
N SER A 19 -29.90 -3.37 23.73
CA SER A 19 -30.03 -1.93 24.00
C SER A 19 -28.75 -1.34 24.60
N VAL A 20 -28.72 -0.01 24.66
CA VAL A 20 -27.58 0.75 25.22
C VAL A 20 -28.06 2.13 25.69
N VAL A 21 -27.63 2.53 26.88
CA VAL A 21 -28.04 3.84 27.44
C VAL A 21 -27.22 4.92 26.74
N VAL A 22 -27.93 5.90 26.17
CA VAL A 22 -27.31 7.00 25.45
C VAL A 22 -27.59 8.30 26.20
N ASP A 23 -26.55 9.12 26.35
CA ASP A 23 -26.67 10.48 26.91
C ASP A 23 -27.13 11.40 25.81
N PHE A 24 -28.13 12.24 26.10
CA PHE A 24 -28.64 13.22 25.14
C PHE A 24 -28.50 14.62 25.72
N LEU A 25 -27.69 15.46 25.06
CA LEU A 25 -27.49 16.85 25.44
C LEU A 25 -28.36 17.77 24.55
N LEU A 26 -29.43 18.32 25.11
CA LEU A 26 -30.33 19.24 24.37
C LEU A 26 -29.80 20.69 24.39
N PRO A 27 -30.12 21.49 23.35
CA PRO A 27 -29.58 22.86 23.22
C PRO A 27 -30.01 23.88 24.30
N THR A 28 -31.00 23.52 25.11
CA THR A 28 -31.39 24.28 26.30
C THR A 28 -30.51 24.04 27.54
N GLY A 29 -29.52 23.15 27.44
CA GLY A 29 -28.73 22.70 28.59
C GLY A 29 -29.26 21.43 29.26
N VAL A 30 -30.49 21.03 28.90
CA VAL A 30 -31.14 19.88 29.53
C VAL A 30 -30.49 18.57 29.08
N TYR A 31 -30.55 17.58 29.96
CA TYR A 31 -29.84 16.32 29.83
C TYR A 31 -30.86 15.17 29.98
N LEU A 32 -30.83 14.23 29.03
CA LEU A 32 -31.65 13.01 29.08
C LEU A 32 -30.75 11.77 28.89
N ASN A 33 -31.03 10.72 29.66
CA ASN A 33 -30.27 9.45 29.65
C ASN A 33 -31.27 8.28 29.59
N PHE A 34 -31.56 7.77 28.39
CA PHE A 34 -32.44 6.60 28.23
C PHE A 34 -31.89 5.55 27.25
N PRO A 35 -32.28 4.26 27.41
CA PRO A 35 -31.79 3.21 26.51
C PRO A 35 -32.45 3.20 25.13
N VAL A 36 -31.63 3.02 24.09
CA VAL A 36 -32.10 2.79 22.71
C VAL A 36 -31.43 1.54 22.16
N SER A 37 -31.99 1.00 21.09
CA SER A 37 -31.44 -0.19 20.43
C SER A 37 -30.21 0.16 19.60
N ARG A 38 -29.17 -0.67 19.69
CA ARG A 38 -27.95 -0.50 18.87
C ARG A 38 -28.24 -0.53 17.37
N ASN A 39 -29.29 -1.27 16.96
CA ASN A 39 -29.73 -1.33 15.57
C ASN A 39 -30.63 -0.18 15.09
N ALA A 40 -30.98 0.76 15.95
CA ALA A 40 -31.87 1.86 15.57
C ALA A 40 -31.10 2.89 14.78
N ASN A 41 -31.68 3.33 13.66
CA ASN A 41 -31.13 4.48 12.93
C ASN A 41 -31.33 5.80 13.71
N LEU A 42 -30.53 6.81 13.37
CA LEU A 42 -30.55 8.07 14.09
C LEU A 42 -31.89 8.79 13.94
N SER A 43 -32.54 8.63 12.79
CA SER A 43 -33.89 9.18 12.58
C SER A 43 -34.91 8.64 13.59
N THR A 44 -34.84 7.33 13.87
CA THR A 44 -35.67 6.70 14.91
C THR A 44 -35.32 7.20 16.32
N ILE A 45 -34.04 7.48 16.57
CA ILE A 45 -33.58 7.94 17.90
C ILE A 45 -34.04 9.37 18.20
N LYS A 46 -34.07 10.24 17.18
CA LYS A 46 -34.70 11.58 17.30
C LYS A 46 -36.16 11.48 17.75
N GLN A 47 -36.95 10.67 17.05
CA GLN A 47 -38.35 10.45 17.41
C GLN A 47 -38.49 10.04 18.88
N LEU A 48 -37.73 9.03 19.29
CA LEU A 48 -37.74 8.58 20.69
C LEU A 48 -37.25 9.69 21.63
N LEU A 49 -36.24 10.45 21.22
CA LEU A 49 -35.69 11.55 22.03
C LEU A 49 -36.77 12.62 22.27
N TRP A 50 -37.43 13.02 21.18
CA TRP A 50 -38.50 14.01 21.24
C TRP A 50 -39.63 13.57 22.12
N HIS A 51 -40.02 12.30 22.00
CA HIS A 51 -41.06 11.72 22.83
C HIS A 51 -40.76 11.77 24.32
N ARG A 52 -39.48 11.64 24.66
CA ARG A 52 -39.02 11.67 26.04
C ARG A 52 -38.79 13.10 26.54
N ALA A 53 -38.27 13.96 25.65
CA ALA A 53 -37.98 15.35 25.97
C ALA A 53 -39.22 16.13 26.40
N GLN A 54 -40.36 15.83 25.77
CA GLN A 54 -41.62 16.51 26.10
C GLN A 54 -41.96 16.51 27.60
N TYR A 55 -41.50 15.48 28.33
CA TYR A 55 -41.70 15.37 29.79
C TYR A 55 -40.49 15.84 30.61
N GLU A 56 -39.67 16.73 30.04
CA GLU A 56 -38.53 17.35 30.72
C GLU A 56 -38.63 18.88 30.56
N PRO A 57 -37.98 19.65 31.44
CA PRO A 57 -38.13 21.10 31.36
C PRO A 57 -37.58 21.75 30.08
N LEU A 58 -38.15 22.90 29.73
CA LEU A 58 -37.72 23.77 28.65
C LEU A 58 -38.04 23.25 27.25
N PHE A 59 -38.93 22.25 27.15
CA PHE A 59 -39.30 21.63 25.87
C PHE A 59 -39.93 22.59 24.88
N HIS A 60 -40.66 23.60 25.38
CA HIS A 60 -41.43 24.49 24.50
C HIS A 60 -40.55 25.42 23.70
N MET A 61 -39.28 25.52 24.10
CA MET A 61 -38.29 26.36 23.47
C MET A 61 -37.43 25.63 22.44
N LEU A 62 -37.50 24.31 22.40
CA LEU A 62 -36.90 23.53 21.32
C LEU A 62 -37.66 23.78 20.02
N SER A 63 -36.94 23.91 18.91
CA SER A 63 -37.55 23.87 17.57
C SER A 63 -37.89 22.41 17.23
N GLY A 64 -38.35 22.16 16.00
CA GLY A 64 -38.69 20.82 15.56
C GLY A 64 -37.47 19.89 15.44
N PRO A 65 -37.70 18.55 15.44
CA PRO A 65 -36.64 17.57 15.19
C PRO A 65 -35.78 17.90 13.98
N GLU A 66 -36.43 18.23 12.86
CA GLU A 66 -35.74 18.51 11.60
C GLU A 66 -34.90 19.79 11.63
N ALA A 67 -35.05 20.61 12.67
CA ALA A 67 -34.19 21.79 12.86
C ALA A 67 -32.77 21.46 13.32
N TYR A 68 -32.54 20.23 13.83
CA TYR A 68 -31.30 19.86 14.52
C TYR A 68 -30.58 18.64 13.94
N VAL A 69 -29.28 18.56 14.23
CA VAL A 69 -28.42 17.43 13.86
C VAL A 69 -27.75 16.87 15.11
N PHE A 70 -27.67 15.54 15.20
CA PHE A 70 -26.89 14.90 16.26
C PHE A 70 -25.41 15.16 15.98
N THR A 71 -24.66 15.26 17.07
CA THR A 71 -23.20 15.33 17.05
C THR A 71 -22.71 14.23 17.97
N CYS A 72 -21.55 13.66 17.65
CA CYS A 72 -20.90 12.68 18.50
C CYS A 72 -19.40 12.85 18.35
N ILE A 73 -18.66 12.19 19.24
CA ILE A 73 -17.22 12.08 19.13
C ILE A 73 -16.97 10.70 18.54
N ASN A 74 -16.47 10.66 17.30
CA ASN A 74 -16.26 9.39 16.61
C ASN A 74 -14.99 8.69 17.09
N GLN A 75 -14.72 7.50 16.56
CA GLN A 75 -13.60 6.67 17.05
C GLN A 75 -12.22 7.33 16.89
N THR A 76 -12.11 8.28 15.94
CA THR A 76 -10.88 9.03 15.70
C THR A 76 -10.78 10.35 16.51
N ALA A 77 -11.64 10.53 17.51
CA ALA A 77 -11.57 11.64 18.50
C ALA A 77 -12.01 13.03 17.99
N GLU A 78 -12.86 13.06 16.97
CA GLU A 78 -13.35 14.32 16.39
C GLU A 78 -14.85 14.42 16.50
N GLN A 79 -15.35 15.65 16.71
CA GLN A 79 -16.77 15.95 16.55
C GLN A 79 -17.16 15.63 15.12
N GLN A 80 -18.27 14.89 14.97
CA GLN A 80 -18.81 14.52 13.66
C GLN A 80 -20.30 14.84 13.67
N GLU A 81 -20.73 15.77 12.82
CA GLU A 81 -22.16 16.07 12.68
C GLU A 81 -22.79 14.99 11.81
N LEU A 82 -23.77 14.29 12.37
CA LEU A 82 -24.32 13.09 11.75
C LEU A 82 -25.48 13.42 10.82
N GLU A 83 -25.15 13.97 9.66
CA GLU A 83 -26.16 14.40 8.68
C GLU A 83 -27.03 13.26 8.13
N ASP A 84 -26.42 12.15 7.70
CA ASP A 84 -27.18 10.99 7.23
C ASP A 84 -27.78 10.25 8.43
N GLU A 85 -29.09 10.41 8.62
CA GLU A 85 -29.81 9.81 9.75
C GLU A 85 -30.46 8.46 9.45
N GLN A 86 -30.13 7.87 8.30
CA GLN A 86 -30.50 6.48 8.02
C GLN A 86 -29.39 5.51 8.47
N ARG A 87 -28.38 6.02 9.18
CA ARG A 87 -27.28 5.23 9.73
C ARG A 87 -27.63 4.74 11.12
N ARG A 88 -27.23 3.51 11.43
CA ARG A 88 -27.45 2.91 12.74
C ARG A 88 -26.39 3.40 13.74
N LEU A 89 -26.78 3.49 15.02
CA LEU A 89 -25.86 3.84 16.12
C LEU A 89 -24.64 2.90 16.18
N CYS A 90 -24.82 1.63 15.84
CA CYS A 90 -23.69 0.70 15.76
C CYS A 90 -22.76 0.99 14.56
N ASP A 91 -23.31 1.51 13.46
CA ASP A 91 -22.52 1.95 12.31
C ASP A 91 -21.86 3.32 12.55
N VAL A 92 -22.54 4.21 13.28
CA VAL A 92 -21.93 5.50 13.64
C VAL A 92 -20.75 5.24 14.56
N GLN A 93 -20.97 4.35 15.52
CA GLN A 93 -19.93 3.86 16.42
C GLN A 93 -19.29 5.01 17.20
N PRO A 94 -20.10 5.73 18.00
CA PRO A 94 -19.54 6.84 18.76
C PRO A 94 -18.63 6.30 19.87
N PHE A 95 -17.73 7.15 20.36
CA PHE A 95 -16.73 6.71 21.35
C PHE A 95 -17.44 6.27 22.63
N LEU A 96 -18.22 7.19 23.20
CA LEU A 96 -19.14 6.88 24.29
C LEU A 96 -20.53 7.20 23.76
N PRO A 97 -21.56 6.48 24.24
CA PRO A 97 -22.88 6.69 23.66
C PRO A 97 -23.44 8.04 24.14
N VAL A 98 -23.02 9.10 23.43
CA VAL A 98 -23.31 10.48 23.77
C VAL A 98 -23.66 11.23 22.48
N LEU A 99 -24.85 11.84 22.45
CA LEU A 99 -25.29 12.61 21.29
C LEU A 99 -25.74 14.01 21.72
N ARG A 100 -25.26 15.04 21.01
CA ARG A 100 -25.56 16.44 21.28
C ARG A 100 -26.33 17.04 20.10
N LEU A 101 -27.49 17.64 20.37
CA LEU A 101 -28.27 18.32 19.31
C LEU A 101 -27.70 19.72 19.04
N VAL A 102 -27.53 20.05 17.77
CA VAL A 102 -26.95 21.33 17.35
C VAL A 102 -27.65 21.84 16.08
N ALA A 103 -27.47 23.12 15.78
CA ALA A 103 -28.12 23.73 14.62
C ALA A 103 -27.60 23.13 13.31
N ARG A 104 -28.51 22.78 12.40
CA ARG A 104 -28.15 22.33 11.03
C ARG A 104 -27.23 23.31 10.28
N GLU A 105 -27.54 24.60 10.37
CA GLU A 105 -26.91 25.62 9.52
C GLU A 105 -25.39 25.71 9.68
N GLY A 106 -24.74 26.17 8.61
CA GLY A 106 -23.28 26.21 8.48
C GLY A 106 -22.88 25.84 7.07
N ASP A 107 -21.60 25.52 6.88
CA ASP A 107 -21.11 24.91 5.63
C ASP A 107 -21.15 23.38 5.82
N ARG A 108 -22.34 22.81 5.62
CA ARG A 108 -22.58 21.39 5.91
C ARG A 108 -21.83 20.40 5.00
N VAL A 109 -21.47 20.86 3.79
CA VAL A 109 -20.78 20.03 2.81
C VAL A 109 -19.31 19.84 3.21
N LYS A 110 -18.65 20.92 3.61
CA LYS A 110 -17.26 20.85 4.09
C LYS A 110 -17.13 20.02 5.37
N LYS A 111 -18.04 20.26 6.32
CA LYS A 111 -18.08 19.51 7.59
C LYS A 111 -18.33 18.00 7.37
N LEU A 112 -19.23 17.65 6.44
CA LEU A 112 -19.54 16.26 6.14
C LEU A 112 -18.34 15.52 5.52
N ILE A 113 -17.67 16.18 4.57
CA ILE A 113 -16.53 15.58 3.86
C ILE A 113 -15.35 15.38 4.82
N ASN A 114 -14.99 16.41 5.58
CA ASN A 114 -13.88 16.34 6.53
C ASN A 114 -14.03 15.17 7.51
N SER A 115 -15.24 14.96 8.00
CA SER A 115 -15.53 13.82 8.89
C SER A 115 -15.39 12.48 8.17
N GLN A 116 -16.02 12.37 7.00
CA GLN A 116 -15.92 11.15 6.15
C GLN A 116 -14.47 10.79 5.79
N ILE A 117 -13.65 11.81 5.51
CA ILE A 117 -12.23 11.60 5.22
C ILE A 117 -11.48 11.00 6.40
N SER A 118 -11.66 11.58 7.58
CA SER A 118 -11.03 11.09 8.82
C SER A 118 -11.36 9.63 9.08
N LEU A 119 -12.63 9.28 8.86
CA LEU A 119 -13.10 7.91 9.07
C LEU A 119 -12.60 6.92 8.00
N LEU A 120 -12.38 7.40 6.78
CA LEU A 120 -12.00 6.58 5.64
C LEU A 120 -10.49 6.35 5.63
N ILE A 121 -9.72 7.43 5.79
CA ILE A 121 -8.25 7.35 5.74
C ILE A 121 -7.60 6.79 7.01
N GLY A 122 -8.39 6.52 8.06
CA GLY A 122 -7.90 5.86 9.28
C GLY A 122 -7.55 6.86 10.37
N LYS A 123 -6.74 7.85 10.02
CA LYS A 123 -6.27 8.90 10.94
C LYS A 123 -7.27 10.05 10.99
N GLY A 124 -7.45 10.66 12.16
CA GLY A 124 -8.28 11.86 12.30
C GLY A 124 -7.55 13.10 11.79
N LEU A 125 -8.25 13.96 11.04
CA LEU A 125 -7.60 15.12 10.39
C LEU A 125 -7.01 16.12 11.40
N HIS A 126 -7.57 16.17 12.61
CA HIS A 126 -7.03 16.97 13.72
C HIS A 126 -5.62 16.62 14.10
N GLU A 127 -5.21 15.36 13.91
CA GLU A 127 -3.85 14.93 14.21
C GLU A 127 -2.81 15.63 13.34
N PHE A 128 -3.19 16.00 12.10
CA PHE A 128 -2.33 16.81 11.23
C PHE A 128 -2.17 18.24 11.79
N ASP A 129 -3.26 18.80 12.32
CA ASP A 129 -3.22 20.10 12.98
C ASP A 129 -2.39 20.04 14.27
N SER A 130 -2.68 19.03 15.11
CA SER A 130 -1.95 18.77 16.38
C SER A 130 -0.43 18.88 16.30
N LEU A 131 0.15 18.56 15.15
CA LEU A 131 1.60 18.63 14.96
C LEU A 131 2.19 20.03 15.00
N CYS A 132 1.40 21.05 14.66
CA CYS A 132 1.91 22.43 14.47
C CYS A 132 3.16 22.40 13.58
N ASP A 133 2.94 22.25 12.29
CA ASP A 133 4.02 22.11 11.31
C ASP A 133 3.67 22.95 10.07
N PRO A 134 4.56 23.88 9.66
CA PRO A 134 4.35 24.59 8.39
C PRO A 134 4.28 23.66 7.18
N GLU A 135 5.19 22.68 7.10
CA GLU A 135 5.25 21.76 5.95
C GLU A 135 3.98 20.94 5.72
N VAL A 136 3.37 20.48 6.81
CA VAL A 136 2.10 19.77 6.74
C VAL A 136 1.02 20.74 6.29
N ASN A 137 0.87 21.86 7.03
CA ASN A 137 -0.14 22.89 6.74
C ASN A 137 -0.05 23.46 5.33
N ASP A 138 1.18 23.68 4.85
CA ASP A 138 1.39 24.11 3.47
C ASP A 138 1.02 23.01 2.47
N PHE A 139 1.40 21.76 2.76
CA PHE A 139 1.03 20.62 1.89
C PHE A 139 -0.49 20.52 1.76
N ARG A 140 -1.17 20.53 2.90
CA ARG A 140 -2.64 20.45 2.96
C ARG A 140 -3.31 21.63 2.26
N ALA A 141 -2.66 22.79 2.25
CA ALA A 141 -3.21 23.98 1.59
C ALA A 141 -3.08 23.85 0.07
N LYS A 142 -1.88 23.49 -0.39
CA LYS A 142 -1.57 23.48 -1.82
C LYS A 142 -2.28 22.36 -2.58
N MET A 143 -2.24 21.14 -2.04
CA MET A 143 -2.82 19.96 -2.70
C MET A 143 -4.34 19.91 -2.64
N CYS A 144 -4.92 20.23 -1.48
CA CYS A 144 -6.37 20.22 -1.35
C CYS A 144 -7.01 21.26 -2.28
N GLN A 145 -6.36 22.41 -2.46
CA GLN A 145 -6.78 23.40 -3.45
C GLN A 145 -6.69 22.83 -4.88
N PHE A 146 -5.58 22.15 -5.18
CA PHE A 146 -5.35 21.55 -6.49
C PHE A 146 -6.39 20.47 -6.81
N CYS A 147 -6.61 19.58 -5.86
CA CYS A 147 -7.57 18.49 -6.03
C CYS A 147 -9.02 18.98 -6.11
N GLU A 148 -9.38 19.94 -5.26
CA GLU A 148 -10.72 20.55 -5.30
C GLU A 148 -10.98 21.19 -6.66
N GLU A 149 -10.01 21.96 -7.15
CA GLU A 149 -10.07 22.60 -8.47
C GLU A 149 -10.19 21.60 -9.62
N ALA A 150 -9.37 20.55 -9.61
CA ALA A 150 -9.43 19.50 -10.64
C ALA A 150 -10.80 18.80 -10.68
N ALA A 151 -11.39 18.60 -9.50
CA ALA A 151 -12.73 18.01 -9.39
C ALA A 151 -13.80 18.97 -9.89
N ALA A 152 -13.62 20.27 -9.63
CA ALA A 152 -14.53 21.30 -10.15
C ALA A 152 -14.45 21.35 -11.68
N ARG A 153 -13.25 21.35 -12.23
CA ARG A 153 -13.04 21.38 -13.69
C ARG A 153 -13.60 20.13 -14.37
N ARG A 154 -13.49 18.98 -13.71
CA ARG A 154 -14.09 17.71 -14.18
C ARG A 154 -15.61 17.81 -14.39
N GLN A 155 -16.30 18.48 -13.47
CA GLN A 155 -17.77 18.63 -13.56
C GLN A 155 -18.22 19.43 -14.79
N GLN A 156 -17.50 20.52 -15.10
CA GLN A 156 -17.87 21.42 -16.21
C GLN A 156 -17.68 20.80 -17.60
N LEU A 157 -16.84 19.77 -17.70
CA LEU A 157 -16.66 19.01 -18.95
C LEU A 157 -17.90 18.17 -19.30
N GLY A 158 -17.90 17.60 -20.50
CA GLY A 158 -19.03 16.83 -21.00
C GLY A 158 -19.17 15.43 -20.40
N TRP A 159 -20.26 14.76 -20.76
CA TRP A 159 -20.54 13.39 -20.32
C TRP A 159 -19.55 12.36 -20.83
N GLU A 160 -18.99 12.60 -22.02
CA GLU A 160 -18.01 11.71 -22.64
C GLU A 160 -16.72 11.69 -21.83
N ALA A 161 -16.15 12.87 -21.60
CA ALA A 161 -14.96 13.03 -20.74
C ALA A 161 -15.15 12.38 -19.38
N TRP A 162 -16.33 12.60 -18.78
CA TRP A 162 -16.68 11.97 -17.51
C TRP A 162 -16.75 10.46 -17.59
N LEU A 163 -17.27 9.95 -18.70
CA LEU A 163 -17.31 8.50 -18.94
C LEU A 163 -15.89 7.93 -19.05
N GLN A 164 -14.99 8.68 -19.69
CA GLN A 164 -13.57 8.33 -19.76
C GLN A 164 -12.91 8.39 -18.40
N TYR A 165 -13.27 9.40 -17.60
CA TYR A 165 -12.79 9.51 -16.23
C TYR A 165 -13.24 8.33 -15.38
N SER A 166 -14.55 8.08 -15.35
CA SER A 166 -15.13 7.11 -14.44
C SER A 166 -14.92 5.66 -14.87
N PHE A 167 -15.21 5.38 -16.14
CA PHE A 167 -15.14 4.02 -16.68
C PHE A 167 -14.17 3.97 -17.87
N PRO A 168 -12.86 4.11 -17.59
CA PRO A 168 -11.86 4.09 -18.66
C PRO A 168 -11.81 2.74 -19.36
N LEU A 169 -11.46 2.75 -20.64
CA LEU A 169 -11.54 1.56 -21.48
C LEU A 169 -10.62 0.47 -20.97
N GLN A 170 -11.14 -0.75 -20.84
CA GLN A 170 -10.36 -1.95 -20.49
C GLN A 170 -10.11 -2.75 -21.78
N LEU A 171 -8.90 -2.61 -22.32
CA LEU A 171 -8.54 -3.20 -23.59
C LEU A 171 -7.54 -4.35 -23.45
N GLU A 172 -7.46 -5.17 -24.49
CA GLU A 172 -6.54 -6.30 -24.55
C GLU A 172 -5.22 -5.76 -25.13
N PRO A 173 -4.04 -6.20 -24.61
CA PRO A 173 -2.75 -5.64 -25.05
C PRO A 173 -2.52 -5.58 -26.57
N SER A 174 -1.67 -4.62 -26.97
CA SER A 174 -1.62 -4.03 -28.32
C SER A 174 -2.62 -2.86 -28.31
N ALA A 175 -2.33 -1.89 -27.45
CA ALA A 175 -3.19 -0.73 -27.23
C ALA A 175 -2.43 0.40 -26.54
N LEU A 185 -6.20 -10.35 -34.82
CA LEU A 185 -5.97 -10.43 -36.26
C LEU A 185 -7.12 -11.07 -37.06
N PRO A 186 -7.67 -12.24 -36.59
CA PRO A 186 -8.70 -12.90 -37.40
C PRO A 186 -10.05 -12.20 -37.31
N ASN A 187 -10.75 -12.11 -38.45
CA ASN A 187 -11.98 -11.32 -38.59
C ASN A 187 -13.22 -12.19 -38.82
N ARG A 188 -13.46 -13.12 -37.90
CA ARG A 188 -14.65 -13.99 -37.94
C ARG A 188 -15.89 -13.26 -37.42
N ALA A 189 -17.06 -13.80 -37.78
CA ALA A 189 -18.36 -13.22 -37.42
C ALA A 189 -19.01 -14.00 -36.27
N LEU A 190 -19.61 -13.28 -35.32
CA LEU A 190 -20.37 -13.88 -34.22
C LEU A 190 -21.46 -12.93 -33.70
N LEU A 191 -22.52 -13.51 -33.16
CA LEU A 191 -23.71 -12.76 -32.72
C LEU A 191 -23.44 -11.89 -31.48
N VAL A 192 -24.33 -10.94 -31.22
CA VAL A 192 -24.23 -10.05 -30.05
C VAL A 192 -25.59 -9.49 -29.65
N ASN A 193 -25.91 -9.58 -28.36
CA ASN A 193 -27.19 -9.14 -27.81
C ASN A 193 -27.10 -7.70 -27.30
N VAL A 194 -27.93 -6.81 -27.85
CA VAL A 194 -28.03 -5.42 -27.39
C VAL A 194 -29.49 -5.11 -27.04
N LYS A 195 -29.67 -4.31 -25.98
CA LYS A 195 -31.00 -3.89 -25.52
C LYS A 195 -30.96 -2.42 -25.05
N PHE A 196 -32.07 -1.93 -24.49
CA PHE A 196 -32.18 -0.57 -23.96
C PHE A 196 -32.65 -0.57 -22.51
N GLU A 197 -32.24 0.44 -21.75
CA GLU A 197 -32.46 0.49 -20.30
C GLU A 197 -33.94 0.68 -19.96
N GLY A 198 -34.43 -0.13 -19.02
CA GLY A 198 -35.85 -0.17 -18.67
C GLY A 198 -36.68 -0.89 -19.72
N SER A 199 -36.21 -2.06 -20.15
CA SER A 199 -36.91 -2.86 -21.16
C SER A 199 -36.51 -4.34 -21.08
N GLU A 200 -37.50 -5.21 -20.92
CA GLU A 200 -37.27 -6.66 -20.80
C GLU A 200 -36.83 -7.29 -22.12
N GLU A 201 -37.50 -6.90 -23.21
CA GLU A 201 -37.20 -7.43 -24.55
C GLU A 201 -35.86 -6.90 -25.09
N SER A 202 -35.24 -7.69 -25.96
CA SER A 202 -33.94 -7.37 -26.53
C SER A 202 -33.80 -7.84 -27.99
N PHE A 203 -32.96 -7.15 -28.74
CA PHE A 203 -32.75 -7.41 -30.17
C PHE A 203 -31.39 -8.06 -30.40
N THR A 204 -31.38 -9.35 -30.71
CA THR A 204 -30.17 -10.09 -31.05
C THR A 204 -29.83 -9.86 -32.53
N PHE A 205 -28.54 -9.65 -32.82
CA PHE A 205 -28.07 -9.47 -34.19
C PHE A 205 -26.57 -9.73 -34.34
N GLN A 206 -26.14 -9.96 -35.59
CA GLN A 206 -24.75 -10.28 -35.91
C GLN A 206 -23.95 -9.04 -36.29
N VAL A 207 -22.70 -8.99 -35.80
CA VAL A 207 -21.70 -7.99 -36.23
C VAL A 207 -20.33 -8.67 -36.33
N SER A 208 -19.38 -7.97 -36.95
CA SER A 208 -18.00 -8.48 -37.08
C SER A 208 -17.11 -7.98 -35.94
N THR A 209 -15.99 -8.66 -35.75
CA THR A 209 -15.04 -8.34 -34.68
C THR A 209 -14.29 -7.02 -34.91
N LYS A 210 -14.08 -6.67 -36.18
CA LYS A 210 -13.33 -5.46 -36.54
C LYS A 210 -14.19 -4.18 -36.62
N ASP A 211 -15.48 -4.28 -36.26
CA ASP A 211 -16.37 -3.11 -36.19
C ASP A 211 -16.00 -2.17 -35.02
N VAL A 212 -16.07 -0.87 -35.28
CA VAL A 212 -15.97 0.14 -34.22
C VAL A 212 -17.28 0.15 -33.41
N PRO A 213 -17.26 0.64 -32.15
CA PRO A 213 -18.44 0.51 -31.31
C PRO A 213 -19.64 1.36 -31.77
N LEU A 214 -19.37 2.45 -32.49
CA LEU A 214 -20.43 3.28 -33.10
C LEU A 214 -21.30 2.50 -34.08
N ALA A 215 -20.67 1.66 -34.90
CA ALA A 215 -21.39 0.82 -35.89
C ALA A 215 -22.33 -0.20 -35.25
N LEU A 216 -21.96 -0.71 -34.07
CA LEU A 216 -22.80 -1.66 -33.32
C LEU A 216 -24.09 -0.99 -32.82
N MET A 217 -23.95 0.23 -32.29
CA MET A 217 -25.10 0.98 -31.76
C MET A 217 -26.14 1.30 -32.84
N ALA A 218 -25.66 1.67 -34.03
CA ALA A 218 -26.51 2.02 -35.17
C ALA A 218 -27.52 0.92 -35.55
N CYS A 219 -27.05 -0.33 -35.57
CA CYS A 219 -27.93 -1.47 -35.87
C CYS A 219 -29.01 -1.68 -34.81
N ALA A 220 -28.67 -1.39 -33.55
CA ALA A 220 -29.65 -1.41 -32.46
C ALA A 220 -30.69 -0.29 -32.61
N LEU A 221 -30.21 0.91 -32.97
CA LEU A 221 -31.08 2.05 -33.24
C LEU A 221 -31.93 1.87 -34.51
N ARG A 222 -31.43 1.11 -35.48
CA ARG A 222 -32.23 0.68 -36.64
C ARG A 222 -33.31 -0.33 -36.22
N LYS A 223 -32.90 -1.30 -35.40
CA LYS A 223 -33.85 -2.27 -34.81
C LYS A 223 -34.86 -1.62 -33.86
N LYS A 224 -34.46 -0.53 -33.19
CA LYS A 224 -35.38 0.32 -32.43
C LYS A 224 -36.41 0.96 -33.36
N ALA A 225 -35.92 1.55 -34.46
CA ALA A 225 -36.79 2.19 -35.47
C ALA A 225 -37.33 1.17 -36.47
N THR A 226 -38.25 0.32 -36.00
CA THR A 226 -38.94 -0.66 -36.85
C THR A 226 -40.33 -0.12 -37.21
N VAL A 227 -41.09 0.25 -36.19
CA VAL A 227 -42.41 0.90 -36.35
C VAL A 227 -42.24 2.42 -36.49
N PHE A 228 -41.28 2.99 -35.76
CA PHE A 228 -41.04 4.45 -35.77
C PHE A 228 -40.40 4.89 -37.09
N GLU A 234 -33.16 8.70 -33.00
CA GLU A 234 -32.08 9.52 -32.47
C GLU A 234 -30.75 9.23 -33.17
N GLN A 235 -29.71 9.97 -32.82
CA GLN A 235 -28.36 9.78 -33.36
C GLN A 235 -27.55 8.79 -32.51
N PRO A 236 -26.56 8.09 -33.12
CA PRO A 236 -25.71 7.16 -32.37
C PRO A 236 -24.72 7.84 -31.44
N GLU A 237 -24.20 9.01 -31.84
CA GLU A 237 -23.17 9.73 -31.06
C GLU A 237 -23.61 10.20 -29.66
N ASP A 238 -24.91 10.20 -29.38
CA ASP A 238 -25.44 10.46 -28.03
C ASP A 238 -25.75 9.15 -27.26
N TYR A 239 -24.93 8.12 -27.48
CA TYR A 239 -25.05 6.84 -26.77
C TYR A 239 -23.67 6.22 -26.51
N THR A 240 -23.59 5.36 -25.48
CA THR A 240 -22.52 4.37 -25.34
C THR A 240 -23.13 3.01 -24.98
N LEU A 241 -22.33 1.96 -25.15
CA LEU A 241 -22.75 0.59 -24.83
C LEU A 241 -22.22 0.22 -23.47
N GLN A 242 -23.10 -0.26 -22.58
CA GLN A 242 -22.72 -0.76 -21.27
C GLN A 242 -22.79 -2.28 -21.30
N VAL A 243 -21.73 -2.94 -20.81
CA VAL A 243 -21.79 -4.38 -20.55
C VAL A 243 -22.62 -4.54 -19.29
N ASN A 244 -23.81 -5.13 -19.42
CA ASN A 244 -24.78 -5.16 -18.31
C ASN A 244 -24.36 -6.08 -17.15
N GLY A 245 -24.72 -5.66 -15.94
CA GLY A 245 -24.20 -6.26 -14.71
C GLY A 245 -22.82 -5.77 -14.32
N ARG A 246 -22.33 -4.73 -15.00
CA ARG A 246 -20.97 -4.22 -14.80
C ARG A 246 -20.90 -2.72 -15.13
N HIS A 247 -19.93 -2.04 -14.52
CA HIS A 247 -19.57 -0.70 -14.92
C HIS A 247 -18.43 -0.79 -15.89
N GLU A 248 -18.73 -1.24 -17.11
CA GLU A 248 -17.73 -1.44 -18.18
C GLU A 248 -18.35 -1.08 -19.54
N TYR A 249 -17.80 -0.04 -20.17
CA TYR A 249 -18.44 0.59 -21.34
C TYR A 249 -17.55 0.49 -22.59
N LEU A 250 -18.20 0.23 -23.73
CA LEU A 250 -17.51 0.09 -25.02
C LEU A 250 -17.69 1.37 -25.83
N TYR A 251 -16.59 2.10 -26.04
CA TYR A 251 -16.61 3.37 -26.78
C TYR A 251 -15.22 3.71 -27.32
N GLY A 252 -15.15 4.76 -28.13
CA GLY A 252 -13.88 5.25 -28.68
C GLY A 252 -13.65 4.72 -30.08
N SER A 253 -12.44 4.95 -30.60
CA SER A 253 -12.09 4.58 -31.97
C SER A 253 -11.26 3.27 -32.02
N TYR A 254 -11.66 2.28 -31.22
CA TYR A 254 -11.04 0.95 -31.20
C TYR A 254 -12.02 -0.07 -31.78
N PRO A 255 -11.51 -1.16 -32.41
CA PRO A 255 -12.41 -2.21 -32.89
C PRO A 255 -13.00 -3.06 -31.76
N LEU A 256 -14.09 -3.76 -32.04
CA LEU A 256 -14.76 -4.59 -31.02
C LEU A 256 -13.84 -5.69 -30.43
N CYS A 257 -12.92 -6.22 -31.23
CA CYS A 257 -12.03 -7.31 -30.79
C CYS A 257 -11.04 -6.91 -29.67
N GLN A 258 -10.59 -5.65 -29.67
CA GLN A 258 -9.61 -5.17 -28.67
C GLN A 258 -10.17 -4.96 -27.26
N PHE A 259 -11.48 -5.05 -27.09
CA PHE A 259 -12.11 -4.98 -25.75
C PHE A 259 -12.00 -6.33 -25.03
N GLN A 260 -11.62 -6.29 -23.75
CA GLN A 260 -11.49 -7.50 -22.93
C GLN A 260 -12.75 -8.36 -22.83
N TYR A 261 -13.92 -7.72 -22.82
CA TYR A 261 -15.19 -8.45 -22.73
C TYR A 261 -15.47 -9.28 -23.99
N ILE A 262 -15.41 -8.63 -25.16
CA ILE A 262 -15.67 -9.29 -26.44
C ILE A 262 -14.56 -10.30 -26.74
N CYS A 263 -13.31 -9.95 -26.39
CA CYS A 263 -12.17 -10.87 -26.46
C CYS A 263 -12.37 -12.11 -25.56
N SER A 264 -12.87 -11.89 -24.34
CA SER A 264 -13.22 -12.97 -23.41
C SER A 264 -14.47 -13.74 -23.84
N CYS A 265 -15.39 -13.06 -24.54
CA CYS A 265 -16.60 -13.70 -25.07
C CYS A 265 -16.30 -14.58 -26.29
N LEU A 266 -15.59 -14.01 -27.26
CA LEU A 266 -15.25 -14.69 -28.52
C LEU A 266 -14.38 -15.94 -28.32
N HIS A 267 -13.48 -15.88 -27.32
CA HIS A 267 -12.67 -17.04 -26.93
C HIS A 267 -13.51 -18.11 -26.28
N SER A 268 -14.29 -17.73 -25.28
CA SER A 268 -15.17 -18.65 -24.54
C SER A 268 -16.32 -19.19 -25.39
N GLY A 269 -16.92 -18.33 -26.22
CA GLY A 269 -18.06 -18.68 -27.08
C GLY A 269 -19.40 -18.11 -26.65
N LEU A 270 -19.45 -17.50 -25.46
CA LEU A 270 -20.70 -16.91 -24.93
C LEU A 270 -21.10 -15.65 -25.70
N THR A 271 -22.40 -15.41 -25.80
CA THR A 271 -22.94 -14.28 -26.56
C THR A 271 -22.82 -12.99 -25.72
N PRO A 272 -22.08 -11.98 -26.23
CA PRO A 272 -21.85 -10.75 -25.44
C PRO A 272 -23.10 -9.88 -25.27
N HIS A 273 -23.59 -9.78 -24.04
CA HIS A 273 -24.79 -9.00 -23.70
C HIS A 273 -24.42 -7.56 -23.43
N LEU A 274 -25.18 -6.64 -24.03
CA LEU A 274 -24.95 -5.19 -23.93
C LEU A 274 -26.25 -4.41 -23.72
N THR A 275 -26.11 -3.15 -23.30
CA THR A 275 -27.24 -2.24 -23.09
C THR A 275 -26.90 -0.84 -23.63
N MET A 276 -27.87 -0.23 -24.31
CA MET A 276 -27.72 1.11 -24.91
C MET A 276 -28.10 2.20 -23.91
N VAL A 277 -27.09 2.88 -23.35
CA VAL A 277 -27.29 3.93 -22.34
C VAL A 277 -27.29 5.30 -22.99
N HIS A 278 -28.31 6.10 -22.69
CA HIS A 278 -28.45 7.49 -23.19
C HIS A 278 -27.49 8.41 -22.48
N SER A 279 -27.08 9.49 -23.16
CA SER A 279 -26.12 10.46 -22.59
C SER A 279 -26.63 11.16 -21.32
N SER A 280 -27.91 11.53 -21.33
CA SER A 280 -28.62 12.03 -20.14
C SER A 280 -28.58 11.06 -18.94
N SER A 281 -28.62 9.76 -19.21
CA SER A 281 -28.49 8.73 -18.16
C SER A 281 -27.07 8.70 -17.56
N ILE A 282 -26.06 9.04 -18.38
CA ILE A 282 -24.69 9.19 -17.90
C ILE A 282 -24.52 10.51 -17.12
N LEU A 283 -25.22 11.56 -17.56
CA LEU A 283 -25.29 12.83 -16.82
C LEU A 283 -25.93 12.66 -15.44
N ALA A 284 -26.93 11.77 -15.35
CA ALA A 284 -27.54 11.37 -14.08
C ALA A 284 -26.51 10.84 -13.06
N MET A 285 -25.59 9.99 -13.54
CA MET A 285 -24.48 9.48 -12.72
C MET A 285 -23.51 10.59 -12.29
N ARG A 286 -23.16 11.46 -13.23
CA ARG A 286 -22.22 12.57 -13.00
C ARG A 286 -22.73 13.59 -11.96
N ASP A 287 -24.05 13.76 -11.89
CA ASP A 287 -24.69 14.63 -10.90
C ASP A 287 -25.01 13.86 -9.63
N SER A 313 22.58 40.83 0.88
CA SER A 313 22.04 39.48 0.82
C SER A 313 23.09 38.46 1.29
N VAL A 314 22.63 37.44 2.02
CA VAL A 314 23.50 36.36 2.51
C VAL A 314 23.49 35.19 1.52
N SER A 315 24.68 34.72 1.15
CA SER A 315 24.86 33.59 0.23
C SER A 315 25.39 32.37 0.98
N LEU A 316 24.94 31.19 0.57
CA LEU A 316 25.42 29.93 1.15
C LEU A 316 26.88 29.66 0.78
N TRP A 317 27.25 29.99 -0.46
CA TRP A 317 28.60 29.75 -0.97
C TRP A 317 29.66 30.67 -0.43
N SER A 318 29.25 31.82 0.12
CA SER A 318 30.17 32.71 0.84
C SER A 318 30.62 32.14 2.20
N LEU A 319 29.77 31.34 2.83
CA LEU A 319 30.07 30.72 4.13
C LEU A 319 30.98 29.50 3.99
N GLU A 320 32.29 29.72 4.10
CA GLU A 320 33.30 28.66 3.99
C GLU A 320 33.79 28.16 5.37
N GLN A 321 32.85 28.01 6.32
CA GLN A 321 33.17 27.52 7.67
C GLN A 321 32.75 26.05 7.78
N PRO A 322 33.50 25.23 8.55
CA PRO A 322 33.21 23.79 8.61
C PRO A 322 31.89 23.48 9.30
N PHE A 323 31.20 22.43 8.84
CA PHE A 323 29.91 22.04 9.39
C PHE A 323 30.05 21.41 10.77
N ARG A 324 29.11 21.74 11.66
CA ARG A 324 29.10 21.19 13.03
C ARG A 324 27.73 21.28 13.69
N ILE A 325 27.54 20.44 14.71
CA ILE A 325 26.31 20.40 15.51
C ILE A 325 26.64 20.22 16.99
N GLU A 326 25.76 20.74 17.85
CA GLU A 326 25.83 20.51 19.28
C GLU A 326 24.97 19.29 19.62
N LEU A 327 25.55 18.32 20.32
CA LEU A 327 24.85 17.11 20.76
C LEU A 327 24.59 17.25 22.26
N ILE A 328 23.40 17.73 22.61
CA ILE A 328 23.08 18.08 24.00
C ILE A 328 22.78 16.85 24.85
N GLN A 329 21.66 16.18 24.57
CA GLN A 329 21.10 15.19 25.49
C GLN A 329 20.46 13.99 24.76
N GLY A 330 20.34 12.87 25.48
CA GLY A 330 19.46 11.78 25.09
C GLY A 330 18.14 11.88 25.82
N SER A 331 17.29 10.87 25.64
CA SER A 331 16.00 10.79 26.35
C SER A 331 15.38 9.41 26.21
N LYS A 332 14.78 8.92 27.30
CA LYS A 332 14.04 7.65 27.32
C LYS A 332 14.84 6.50 26.67
N VAL A 333 16.09 6.35 27.10
CA VAL A 333 17.03 5.38 26.54
C VAL A 333 17.07 4.13 27.41
N ASN A 334 16.68 3.00 26.84
CA ASN A 334 16.58 1.72 27.56
C ASN A 334 17.71 0.78 27.12
N ALA A 335 18.83 0.84 27.85
CA ALA A 335 20.01 0.04 27.56
C ALA A 335 20.52 -0.67 28.81
N ASP A 336 21.57 -1.48 28.65
CA ASP A 336 22.17 -2.21 29.77
C ASP A 336 23.05 -1.25 30.58
N GLU A 337 22.85 -1.23 31.90
CA GLU A 337 23.49 -0.24 32.77
C GLU A 337 25.01 -0.40 32.91
N ARG A 338 25.51 -1.63 32.75
CA ARG A 338 26.95 -1.89 32.75
C ARG A 338 27.66 -1.29 31.53
N MET A 339 26.99 -1.33 30.38
CA MET A 339 27.53 -0.76 29.13
C MET A 339 27.53 0.78 29.14
N LYS A 340 28.05 1.39 28.07
CA LYS A 340 28.11 2.85 27.91
C LYS A 340 27.57 3.27 26.54
N LEU A 341 26.97 4.46 26.49
CA LEU A 341 26.32 4.94 25.27
C LEU A 341 27.25 5.81 24.42
N VAL A 342 27.17 5.61 23.10
CA VAL A 342 27.91 6.40 22.11
C VAL A 342 26.94 6.79 21.00
N VAL A 343 27.16 7.96 20.40
CA VAL A 343 26.37 8.42 19.25
C VAL A 343 27.29 8.66 18.04
N GLN A 344 27.17 7.79 17.05
CA GLN A 344 27.82 8.00 15.76
C GLN A 344 26.94 8.91 14.89
N ALA A 345 27.60 9.85 14.20
CA ALA A 345 26.93 10.76 13.26
C ALA A 345 27.65 10.76 11.91
N GLY A 346 26.88 10.86 10.84
CA GLY A 346 27.42 10.93 9.48
C GLY A 346 26.50 11.69 8.53
N LEU A 347 27.09 12.51 7.66
CA LEU A 347 26.35 13.22 6.62
C LEU A 347 26.21 12.30 5.40
N PHE A 348 25.08 12.40 4.71
CA PHE A 348 24.82 11.55 3.53
C PHE A 348 24.08 12.28 2.41
N HIS A 349 24.32 11.80 1.19
CA HIS A 349 23.55 12.20 0.00
C HIS A 349 23.23 10.95 -0.77
N GLY A 350 22.07 10.36 -0.48
CA GLY A 350 21.72 9.03 -0.98
C GLY A 350 22.39 7.96 -0.14
N ASN A 351 23.06 7.02 -0.81
CA ASN A 351 23.81 5.94 -0.12
C ASN A 351 25.23 6.34 0.27
N GLU A 352 25.84 7.24 -0.50
CA GLU A 352 27.24 7.63 -0.29
C GLU A 352 27.40 8.71 0.79
N MET A 353 28.50 8.64 1.53
CA MET A 353 28.84 9.64 2.54
C MET A 353 29.39 10.90 1.87
N LEU A 354 29.12 12.05 2.49
CA LEU A 354 29.71 13.33 2.06
C LEU A 354 31.04 13.61 2.76
N CYS A 355 31.20 13.09 3.98
CA CYS A 355 32.48 13.16 4.72
C CYS A 355 32.59 12.01 5.72
N LYS A 356 33.71 11.94 6.45
CA LYS A 356 33.94 10.87 7.42
C LYS A 356 32.99 10.97 8.62
N THR A 357 32.69 9.82 9.23
CA THR A 357 31.71 9.72 10.32
C THR A 357 32.35 9.98 11.69
N VAL A 358 31.88 11.04 12.37
CA VAL A 358 32.39 11.42 13.70
C VAL A 358 31.66 10.66 14.80
N SER A 359 32.11 10.85 16.05
CA SER A 359 31.50 10.21 17.23
C SER A 359 31.58 11.08 18.49
N SER A 360 30.68 10.82 19.43
CA SER A 360 30.69 11.44 20.75
C SER A 360 31.54 10.62 21.72
N SER A 361 31.69 11.12 22.94
CA SER A 361 32.39 10.39 24.00
C SER A 361 31.47 9.32 24.61
N GLU A 362 32.06 8.47 25.44
CA GLU A 362 31.34 7.38 26.12
C GLU A 362 30.80 7.84 27.48
N VAL A 363 29.53 8.26 27.50
CA VAL A 363 28.80 8.57 28.73
C VAL A 363 28.22 7.27 29.29
N SER A 364 28.05 7.20 30.62
CA SER A 364 27.47 6.03 31.28
C SER A 364 25.99 5.85 30.91
N VAL A 365 25.56 4.59 30.75
CA VAL A 365 24.18 4.27 30.37
C VAL A 365 23.18 4.75 31.44
N CYS A 366 22.23 5.56 30.99
CA CYS A 366 21.06 5.93 31.78
C CYS A 366 19.91 6.31 30.85
N SER A 367 18.74 6.57 31.43
CA SER A 367 17.57 7.08 30.70
C SER A 367 17.81 8.43 30.03
N GLU A 368 18.57 9.29 30.70
CA GLU A 368 18.73 10.70 30.33
C GLU A 368 20.22 11.05 30.24
N PRO A 369 20.95 10.45 29.26
CA PRO A 369 22.38 10.72 29.12
C PRO A 369 22.65 12.11 28.57
N VAL A 370 23.72 12.75 29.06
CA VAL A 370 24.03 14.15 28.75
C VAL A 370 25.46 14.27 28.23
N TRP A 371 25.58 14.62 26.95
CA TRP A 371 26.87 14.67 26.24
C TRP A 371 27.41 16.07 26.20
N LYS A 372 26.62 16.99 25.62
CA LYS A 372 27.02 18.38 25.42
C LYS A 372 28.36 18.50 24.72
N GLN A 373 28.38 18.19 23.43
CA GLN A 373 29.60 18.21 22.61
C GLN A 373 29.37 18.86 21.25
N ARG A 374 30.38 19.58 20.78
CA ARG A 374 30.47 19.93 19.36
C ARG A 374 30.96 18.70 18.62
N LEU A 375 30.36 18.41 17.46
CA LEU A 375 30.82 17.35 16.56
C LEU A 375 31.11 17.95 15.19
N GLU A 376 32.36 18.36 14.96
CA GLU A 376 32.76 18.96 13.69
C GLU A 376 32.91 17.89 12.61
N PHE A 377 32.60 18.26 11.37
CA PHE A 377 32.66 17.36 10.22
C PHE A 377 33.66 17.87 9.19
N ASP A 378 34.15 16.96 8.34
CA ASP A 378 35.15 17.27 7.30
C ASP A 378 34.44 17.78 6.02
N ILE A 379 33.73 18.89 6.16
CA ILE A 379 32.96 19.49 5.07
C ILE A 379 32.50 20.89 5.49
N ASN A 380 32.53 21.83 4.55
CA ASN A 380 32.09 23.22 4.82
C ASN A 380 30.58 23.39 4.60
N ILE A 381 30.04 24.45 5.17
CA ILE A 381 28.61 24.80 5.04
C ILE A 381 28.23 25.05 3.59
N CYS A 382 29.14 25.69 2.83
CA CYS A 382 28.97 25.92 1.39
C CYS A 382 28.95 24.64 0.55
N ASP A 383 29.65 23.60 1.01
CA ASP A 383 29.73 22.32 0.28
C ASP A 383 28.51 21.39 0.45
N LEU A 384 27.62 21.69 1.41
CA LEU A 384 26.45 20.84 1.66
C LEU A 384 25.45 20.92 0.50
N PRO A 385 25.13 19.77 -0.14
CA PRO A 385 24.13 19.78 -1.22
C PRO A 385 22.70 19.95 -0.68
N ARG A 386 21.76 20.19 -1.57
CA ARG A 386 20.36 20.47 -1.20
C ARG A 386 19.73 19.37 -0.36
N MET A 387 20.09 18.12 -0.65
CA MET A 387 19.53 16.95 0.04
C MET A 387 20.49 16.34 1.06
N ALA A 388 21.42 17.13 1.58
CA ALA A 388 22.34 16.65 2.61
C ALA A 388 21.55 16.15 3.82
N ARG A 389 21.92 14.97 4.29
CA ARG A 389 21.15 14.22 5.27
C ARG A 389 22.06 13.82 6.45
N LEU A 390 21.91 14.54 7.56
CA LEU A 390 22.60 14.20 8.80
C LEU A 390 21.91 12.98 9.41
N CYS A 391 22.70 11.95 9.71
CA CYS A 391 22.18 10.65 10.15
C CYS A 391 22.83 10.21 11.44
N PHE A 392 21.99 9.97 12.47
CA PHE A 392 22.44 9.57 13.80
C PHE A 392 22.17 8.09 14.06
N ALA A 393 23.00 7.51 14.93
CA ALA A 393 22.73 6.21 15.51
C ALA A 393 23.28 6.18 16.93
N LEU A 394 22.42 5.86 17.91
CA LEU A 394 22.85 5.69 19.29
C LEU A 394 23.23 4.23 19.48
N TYR A 395 24.48 3.99 19.88
CA TYR A 395 25.03 2.66 20.10
C TYR A 395 25.34 2.45 21.59
N ALA A 396 25.13 1.22 22.07
CA ALA A 396 25.58 0.81 23.41
C ALA A 396 26.83 -0.06 23.27
N VAL A 397 27.90 0.33 23.95
CA VAL A 397 29.23 -0.30 23.87
C VAL A 397 29.69 -0.75 25.26
N ILE A 398 30.45 -1.84 25.32
CA ILE A 398 31.03 -2.33 26.59
C ILE A 398 32.07 -1.36 27.19
N GLU A 399 32.44 -1.61 28.45
CA GLU A 399 33.45 -0.80 29.14
C GLU A 399 34.79 -0.87 28.38
N LYS A 400 35.38 0.29 28.14
CA LYS A 400 36.57 0.40 27.28
C LYS A 400 37.82 -0.20 27.93
N ALA A 401 38.72 -0.72 27.09
CA ALA A 401 39.96 -1.39 27.52
C ALA A 401 39.66 -2.69 28.28
N ASP A 415 28.88 -4.63 19.51
CA ASP A 415 28.25 -3.32 19.60
C ASP A 415 26.75 -3.41 19.40
N CYS A 416 26.00 -2.73 20.27
CA CYS A 416 24.53 -2.74 20.25
C CYS A 416 24.00 -1.47 19.59
N PRO A 417 23.45 -1.58 18.36
CA PRO A 417 22.68 -0.45 17.83
C PRO A 417 21.33 -0.31 18.56
N ILE A 418 21.17 0.76 19.33
CA ILE A 418 19.95 1.00 20.12
C ILE A 418 18.87 1.57 19.22
N ALA A 419 19.17 2.72 18.61
CA ALA A 419 18.22 3.42 17.75
C ALA A 419 18.94 4.29 16.73
N TRP A 420 18.17 4.86 15.80
CA TRP A 420 18.72 5.70 14.73
C TRP A 420 17.75 6.78 14.34
N ALA A 421 18.27 7.85 13.76
CA ALA A 421 17.44 8.97 13.31
C ALA A 421 18.15 9.81 12.27
N ASN A 422 17.39 10.30 11.28
CA ASN A 422 17.93 11.09 10.18
C ASN A 422 17.25 12.45 10.12
N LEU A 423 17.98 13.43 9.62
CA LEU A 423 17.50 14.81 9.60
C LEU A 423 18.07 15.49 8.35
N MET A 424 17.18 15.98 7.49
CA MET A 424 17.57 16.86 6.39
C MET A 424 18.15 18.14 6.99
N LEU A 425 19.26 18.64 6.45
CA LEU A 425 19.88 19.87 6.95
C LEU A 425 19.10 21.11 6.53
N PHE A 426 18.77 21.19 5.24
CA PHE A 426 17.89 22.24 4.73
C PHE A 426 16.43 21.82 4.94
N ASP A 427 15.54 22.80 5.10
CA ASP A 427 14.11 22.55 5.30
C ASP A 427 13.37 22.60 3.96
N TYR A 428 12.05 22.40 3.98
CA TYR A 428 11.26 22.34 2.74
C TYR A 428 11.21 23.66 1.95
N LYS A 429 11.30 24.79 2.64
CA LYS A 429 11.42 26.11 1.98
C LYS A 429 12.84 26.45 1.47
N ASP A 430 13.77 25.50 1.56
CA ASP A 430 15.18 25.60 1.10
C ASP A 430 16.12 26.25 2.13
N GLN A 431 15.64 26.50 3.34
CA GLN A 431 16.40 27.19 4.38
C GLN A 431 17.20 26.19 5.22
N LEU A 432 18.46 26.52 5.50
CA LEU A 432 19.30 25.71 6.39
C LEU A 432 18.77 25.78 7.82
N LYS A 433 18.50 24.61 8.41
CA LYS A 433 17.86 24.53 9.74
C LYS A 433 18.78 25.12 10.81
N THR A 434 18.23 26.01 11.65
CA THR A 434 18.98 26.65 12.74
C THR A 434 18.32 26.34 14.07
N GLY A 435 19.14 26.16 15.10
CA GLY A 435 18.65 26.00 16.47
C GLY A 435 18.33 24.58 16.90
N GLU A 436 17.73 24.47 18.08
CA GLU A 436 17.45 23.19 18.73
C GLU A 436 16.44 22.33 17.94
N ARG A 437 16.71 21.03 17.93
CA ARG A 437 15.86 20.03 17.27
C ARG A 437 15.84 18.78 18.14
N CYS A 438 14.65 18.21 18.34
CA CYS A 438 14.45 17.01 19.13
C CYS A 438 14.04 15.86 18.22
N LEU A 439 15.02 15.02 17.84
CA LEU A 439 14.82 13.89 16.94
C LEU A 439 14.37 12.66 17.73
N TYR A 440 13.10 12.29 17.62
CA TYR A 440 12.60 11.07 18.27
C TYR A 440 13.04 9.87 17.43
N MET A 441 13.95 9.06 17.97
CA MET A 441 14.66 8.04 17.20
C MET A 441 13.82 6.81 16.96
N TRP A 442 14.20 6.06 15.94
CA TRP A 442 13.60 4.78 15.57
C TRP A 442 14.47 3.65 16.05
N PRO A 443 13.87 2.56 16.56
CA PRO A 443 14.70 1.47 17.07
C PRO A 443 15.35 0.66 15.95
N SER A 444 16.64 0.38 16.11
CA SER A 444 17.43 -0.31 15.11
C SER A 444 17.09 -1.79 15.17
N VAL A 445 17.02 -2.40 13.99
CA VAL A 445 16.74 -3.83 13.84
C VAL A 445 18.01 -4.50 13.33
N PRO A 446 18.40 -5.65 13.93
CA PRO A 446 19.61 -6.34 13.47
C PRO A 446 19.40 -7.00 12.10
N ASP A 447 20.26 -6.65 11.13
CA ASP A 447 20.20 -7.18 9.76
C ASP A 447 21.55 -7.75 9.34
N GLU A 448 21.56 -8.42 8.19
CA GLU A 448 22.78 -9.10 7.69
C GLU A 448 23.92 -8.14 7.34
N LYS A 449 23.58 -6.97 6.77
CA LYS A 449 24.57 -5.97 6.33
C LYS A 449 25.47 -5.48 7.46
N GLY A 450 24.87 -5.25 8.64
CA GLY A 450 25.62 -4.78 9.81
C GLY A 450 26.20 -3.38 9.62
N GLU A 451 25.41 -2.49 9.02
CA GLU A 451 25.85 -1.10 8.81
C GLU A 451 25.82 -0.33 10.13
N LEU A 452 26.59 0.76 10.17
CA LEU A 452 26.63 1.64 11.32
C LEU A 452 25.36 2.49 11.36
N LEU A 453 25.18 3.27 10.30
CA LEU A 453 24.10 4.24 10.20
C LEU A 453 23.00 3.70 9.28
N ASN A 454 21.88 4.41 9.25
CA ASN A 454 20.74 4.03 8.41
C ASN A 454 20.34 5.23 7.53
N PRO A 455 21.20 5.57 6.54
CA PRO A 455 20.93 6.74 5.68
C PRO A 455 19.74 6.59 4.73
N THR A 456 19.37 5.36 4.38
CA THR A 456 18.16 5.13 3.57
C THR A 456 16.87 5.16 4.41
N GLY A 457 17.00 5.11 5.73
CA GLY A 457 15.85 5.20 6.63
C GLY A 457 15.09 6.50 6.50
N THR A 458 13.83 6.49 6.92
CA THR A 458 12.94 7.64 6.81
C THR A 458 13.46 8.91 7.52
N VAL A 459 13.05 10.07 7.01
CA VAL A 459 13.48 11.39 7.49
C VAL A 459 12.48 11.98 8.49
N ARG A 460 11.25 11.47 8.53
CA ARG A 460 10.23 11.95 9.47
C ARG A 460 10.52 11.46 10.88
N SER A 461 9.94 12.13 11.87
CA SER A 461 10.12 11.78 13.27
C SER A 461 9.28 10.55 13.64
N ASN A 462 9.68 9.87 14.71
CA ASN A 462 8.91 8.77 15.27
C ASN A 462 7.61 9.34 15.86
N PRO A 463 6.43 8.88 15.38
CA PRO A 463 5.16 9.40 15.92
C PRO A 463 4.89 9.11 17.40
N ASN A 464 5.48 8.05 17.95
CA ASN A 464 5.38 7.74 19.38
C ASN A 464 6.28 8.68 20.19
N THR A 465 5.86 9.94 20.30
CA THR A 465 6.56 10.94 21.11
C THR A 465 6.34 10.70 22.59
N ASP A 466 5.33 9.90 22.92
CA ASP A 466 4.99 9.54 24.31
C ASP A 466 6.13 8.77 24.99
N SER A 467 6.55 7.66 24.38
CA SER A 467 7.49 6.70 24.99
C SER A 467 8.79 6.41 24.22
N ALA A 468 8.90 6.84 22.96
CA ALA A 468 10.10 6.59 22.15
C ALA A 468 11.30 7.41 22.65
N ALA A 469 12.51 6.91 22.37
CA ALA A 469 13.74 7.59 22.75
C ALA A 469 14.00 8.82 21.89
N ALA A 470 14.72 9.79 22.45
CA ALA A 470 14.96 11.07 21.78
C ALA A 470 16.41 11.48 21.90
N LEU A 471 16.91 12.23 20.90
CA LEU A 471 18.22 12.86 20.94
C LEU A 471 18.03 14.36 20.73
N LEU A 472 18.45 15.15 21.72
CA LEU A 472 18.35 16.61 21.66
C LEU A 472 19.65 17.18 21.09
N ILE A 473 19.55 17.82 19.93
CA ILE A 473 20.70 18.43 19.25
C ILE A 473 20.36 19.86 18.84
N CYS A 474 21.39 20.65 18.55
CA CYS A 474 21.21 22.07 18.22
C CYS A 474 22.18 22.52 17.13
N LEU A 475 21.67 22.69 15.91
CA LEU A 475 22.45 23.18 14.79
C LEU A 475 22.67 24.68 14.99
N PRO A 476 23.93 25.14 15.07
CA PRO A 476 24.21 26.51 15.47
C PRO A 476 23.89 27.55 14.38
N GLU A 477 23.87 28.82 14.77
CA GLU A 477 23.58 29.93 13.85
C GLU A 477 24.78 30.21 12.96
N VAL A 478 24.67 29.89 11.67
CA VAL A 478 25.73 30.13 10.69
C VAL A 478 25.90 31.61 10.32
N ALA A 479 24.84 32.40 10.50
CA ALA A 479 24.85 33.84 10.18
C ALA A 479 23.69 34.57 10.87
N PRO A 480 23.72 35.92 10.91
CA PRO A 480 22.59 36.67 11.51
C PRO A 480 21.29 36.56 10.71
N HIS A 481 21.38 36.67 9.38
CA HIS A 481 20.24 36.44 8.49
C HIS A 481 20.10 34.96 8.21
N PRO A 482 18.87 34.50 7.91
CA PRO A 482 18.69 33.09 7.54
C PRO A 482 19.18 32.82 6.12
N VAL A 483 20.06 31.83 5.97
CA VAL A 483 20.65 31.48 4.66
C VAL A 483 19.91 30.31 4.02
N TYR A 484 19.70 30.39 2.71
CA TYR A 484 19.01 29.35 1.94
C TYR A 484 19.97 28.72 0.92
N TYR A 485 19.63 27.52 0.46
CA TYR A 485 20.33 26.89 -0.67
C TYR A 485 19.96 27.69 -1.93
N PRO A 486 20.96 28.08 -2.75
CA PRO A 486 20.68 29.00 -3.87
C PRO A 486 19.61 28.56 -4.87
N ALA A 487 19.04 29.53 -5.56
CA ALA A 487 18.00 29.29 -6.57
C ALA A 487 18.62 28.75 -7.84
N LEU A 488 17.78 28.22 -8.73
CA LEU A 488 18.21 27.62 -10.00
C LEU A 488 19.04 28.56 -10.88
N GLU A 489 18.67 29.84 -10.91
CA GLU A 489 19.36 30.83 -11.74
C GLU A 489 20.84 30.99 -11.37
N LYS A 490 21.12 30.98 -10.07
CA LYS A 490 22.51 31.04 -9.56
C LYS A 490 23.25 29.68 -9.64
N ILE A 491 22.49 28.58 -9.68
CA ILE A 491 23.07 27.24 -9.93
C ILE A 491 23.58 27.13 -11.37
N LEU A 492 22.76 27.57 -12.33
CA LEU A 492 23.17 27.59 -13.75
C LEU A 492 24.29 28.59 -14.04
N GLU A 493 24.42 29.63 -13.19
CA GLU A 493 25.49 30.62 -13.32
C GLU A 493 26.86 29.96 -13.17
N LEU A 494 27.07 29.26 -12.05
CA LEU A 494 28.33 28.53 -11.81
C LEU A 494 28.52 27.36 -12.78
N GLY A 495 27.44 26.68 -13.14
CA GLY A 495 27.49 25.56 -14.07
C GLY A 495 27.72 25.90 -15.54
N ARG A 496 27.40 27.14 -15.93
CA ARG A 496 27.52 27.57 -17.34
C ARG A 496 28.96 27.62 -17.85
N HIS A 497 29.80 28.40 -17.16
CA HIS A 497 31.15 28.77 -17.64
C HIS A 497 32.06 27.60 -17.93
N SER A 498 32.03 26.59 -17.05
CA SER A 498 32.78 25.35 -17.24
C SER A 498 32.01 24.37 -18.13
N GLU A 505 38.09 11.17 -30.31
CA GLU A 505 38.64 9.96 -30.91
C GLU A 505 39.39 9.11 -29.87
N GLU A 506 40.26 9.75 -29.09
CA GLU A 506 41.10 9.06 -28.10
C GLU A 506 40.28 8.59 -26.89
N GLU A 507 39.73 9.53 -26.15
CA GLU A 507 38.98 9.22 -24.92
C GLU A 507 37.57 8.69 -25.19
N GLN A 508 37.07 8.86 -26.41
CA GLN A 508 35.75 8.34 -26.82
C GLN A 508 35.68 6.81 -26.85
N LEU A 509 36.79 6.16 -27.25
CA LEU A 509 36.87 4.68 -27.29
C LEU A 509 36.73 4.04 -25.91
N GLN A 510 37.44 4.60 -24.92
CA GLN A 510 37.35 4.16 -23.53
C GLN A 510 35.99 4.47 -22.89
N LEU A 511 35.37 5.58 -23.31
CA LEU A 511 34.04 5.97 -22.80
C LEU A 511 32.98 4.97 -23.26
N ARG A 512 32.94 4.69 -24.56
CA ARG A 512 32.08 3.63 -25.14
C ARG A 512 32.19 2.33 -24.35
N GLU A 513 33.43 1.87 -24.16
CA GLU A 513 33.70 0.60 -23.48
C GLU A 513 33.19 0.59 -22.04
N ILE A 514 33.38 1.71 -21.33
CA ILE A 514 32.92 1.84 -19.93
C ILE A 514 31.39 1.94 -19.85
N LEU A 515 30.80 2.81 -20.67
CA LEU A 515 29.34 3.05 -20.65
C LEU A 515 28.51 1.92 -21.27
N GLU A 516 29.03 1.32 -22.35
CA GLU A 516 28.32 0.26 -23.10
C GLU A 516 28.80 -1.15 -22.69
N ARG A 517 29.11 -1.32 -21.41
CA ARG A 517 29.68 -2.58 -20.90
C ARG A 517 28.61 -3.68 -20.78
N TYR A 524 34.20 2.39 -10.58
CA TYR A 524 35.61 2.31 -10.19
C TYR A 524 36.27 3.68 -10.33
N GLU A 525 37.11 4.03 -9.35
CA GLU A 525 37.64 5.40 -9.18
C GLU A 525 38.37 5.99 -10.40
N HIS A 526 39.04 5.12 -11.16
CA HIS A 526 39.61 5.51 -12.46
C HIS A 526 38.54 5.81 -13.47
N GLU A 527 37.59 4.88 -13.59
CA GLU A 527 36.49 4.99 -14.57
C GLU A 527 35.54 6.16 -14.29
N LYS A 528 35.27 6.43 -13.02
CA LYS A 528 34.39 7.53 -12.60
C LYS A 528 34.91 8.91 -13.01
N ASP A 529 36.22 9.12 -12.86
CA ASP A 529 36.86 10.39 -13.27
C ASP A 529 36.84 10.61 -14.79
N LEU A 530 36.90 9.53 -15.57
CA LEU A 530 36.76 9.58 -17.03
C LEU A 530 35.33 9.92 -17.43
N VAL A 531 34.36 9.37 -16.72
CA VAL A 531 32.93 9.71 -16.91
C VAL A 531 32.66 11.19 -16.57
N TRP A 532 33.41 11.75 -15.61
CA TRP A 532 33.25 13.15 -15.21
C TRP A 532 33.86 14.11 -16.20
N LYS A 533 35.07 13.82 -16.67
CA LYS A 533 35.77 14.68 -17.63
C LYS A 533 34.98 14.80 -18.93
N LEU A 534 34.50 13.65 -19.44
CA LEU A 534 33.74 13.59 -20.69
C LEU A 534 32.22 13.59 -20.44
N ARG A 535 31.77 14.39 -19.47
CA ARG A 535 30.34 14.51 -19.14
C ARG A 535 29.54 15.21 -20.24
N HIS A 536 30.14 16.19 -20.89
CA HIS A 536 29.53 16.82 -22.07
C HIS A 536 29.33 15.81 -23.18
N GLU A 537 30.32 14.94 -23.38
CA GLU A 537 30.22 13.84 -24.34
C GLU A 537 29.18 12.79 -23.93
N VAL A 538 29.09 12.52 -22.63
CA VAL A 538 28.03 11.65 -22.08
C VAL A 538 26.64 12.25 -22.37
N GLN A 539 26.50 13.56 -22.21
CA GLN A 539 25.25 14.26 -22.58
C GLN A 539 25.00 14.23 -24.08
N GLU A 540 26.06 14.47 -24.86
CA GLU A 540 25.95 14.56 -26.32
C GLU A 540 25.65 13.22 -26.97
N HIS A 541 26.41 12.19 -26.62
CA HIS A 541 26.37 10.88 -27.33
C HIS A 541 25.87 9.70 -26.53
N PHE A 542 25.70 9.83 -25.21
CA PHE A 542 25.26 8.72 -24.35
C PHE A 542 24.14 9.15 -23.40
N PRO A 543 23.05 9.73 -23.96
CA PRO A 543 22.01 10.33 -23.12
C PRO A 543 21.41 9.37 -22.08
N GLU A 544 21.28 8.09 -22.45
CA GLU A 544 20.74 7.06 -21.55
C GLU A 544 21.63 6.74 -20.34
N ALA A 545 22.91 7.11 -20.39
CA ALA A 545 23.85 6.91 -19.28
C ALA A 545 23.83 8.04 -18.21
N LEU A 546 22.68 8.70 -18.04
CA LEU A 546 22.55 9.79 -17.08
C LEU A 546 22.74 9.31 -15.63
N ALA A 547 22.12 8.19 -15.28
CA ALA A 547 22.25 7.60 -13.93
C ALA A 547 23.71 7.29 -13.57
N ARG A 548 24.46 6.77 -14.53
CA ARG A 548 25.89 6.49 -14.33
C ARG A 548 26.65 7.78 -14.07
N LEU A 549 26.43 8.78 -14.91
CA LEU A 549 27.07 10.09 -14.75
C LEU A 549 26.68 10.81 -13.46
N LEU A 550 25.45 10.59 -12.98
CA LEU A 550 25.02 11.17 -11.69
C LEU A 550 25.82 10.59 -10.51
N LEU A 551 25.93 9.27 -10.46
CA LEU A 551 26.61 8.58 -9.35
C LEU A 551 28.13 8.76 -9.34
N VAL A 552 28.73 9.15 -10.47
CA VAL A 552 30.16 9.49 -10.51
C VAL A 552 30.44 10.92 -10.01
N THR A 553 29.41 11.76 -9.96
CA THR A 553 29.53 13.16 -9.52
C THR A 553 29.77 13.26 -8.01
N LYS A 554 30.67 14.18 -7.61
CA LYS A 554 30.99 14.40 -6.19
C LYS A 554 30.02 15.42 -5.59
N TRP A 555 29.02 14.92 -4.85
CA TRP A 555 27.98 15.76 -4.26
C TRP A 555 28.40 16.49 -2.99
N ASN A 556 29.63 16.24 -2.51
CA ASN A 556 30.22 16.99 -1.39
C ASN A 556 31.09 18.21 -1.79
N LYS A 557 30.93 18.69 -3.02
CA LYS A 557 31.61 19.89 -3.51
C LYS A 557 30.64 20.66 -4.41
N HIS A 558 30.34 21.92 -4.07
CA HIS A 558 29.25 22.67 -4.73
C HIS A 558 29.53 23.08 -6.14
N GLU A 559 30.80 23.22 -6.50
CA GLU A 559 31.21 23.46 -7.89
C GLU A 559 30.80 22.28 -8.78
N ASP A 560 31.10 21.07 -8.32
CA ASP A 560 30.71 19.84 -9.03
C ASP A 560 29.18 19.66 -9.09
N VAL A 561 28.49 20.03 -8.01
CA VAL A 561 27.02 19.91 -7.95
C VAL A 561 26.37 20.87 -8.96
N ALA A 562 26.91 22.08 -9.08
CA ALA A 562 26.41 23.06 -10.05
C ALA A 562 26.56 22.55 -11.49
N GLN A 563 27.77 22.08 -11.83
CA GLN A 563 28.08 21.62 -13.18
C GLN A 563 27.18 20.48 -13.67
N MET A 564 26.92 19.51 -12.79
CA MET A 564 26.04 18.37 -13.12
C MET A 564 24.57 18.80 -13.24
N LEU A 565 24.12 19.65 -12.32
CA LEU A 565 22.75 20.23 -12.39
C LEU A 565 22.54 21.10 -13.65
N TYR A 566 23.59 21.76 -14.12
CA TYR A 566 23.52 22.58 -15.33
C TYR A 566 23.23 21.74 -16.58
N LEU A 567 23.95 20.62 -16.71
CA LEU A 567 23.72 19.69 -17.82
C LEU A 567 22.32 19.07 -17.76
N LEU A 568 21.81 18.86 -16.54
CA LEU A 568 20.51 18.21 -16.32
C LEU A 568 19.33 19.00 -16.89
N CYS A 569 19.45 20.33 -16.93
CA CYS A 569 18.39 21.20 -17.47
C CYS A 569 18.18 20.99 -18.97
N SER A 570 19.29 20.93 -19.72
CA SER A 570 19.25 20.69 -21.17
C SER A 570 19.35 19.20 -21.56
N TRP A 571 19.23 18.29 -20.60
CA TRP A 571 19.36 16.86 -20.86
C TRP A 571 18.16 16.33 -21.61
N PRO A 572 18.36 15.56 -22.69
CA PRO A 572 17.21 15.10 -23.50
C PRO A 572 16.30 14.10 -22.80
N GLU A 573 15.01 14.15 -23.13
CA GLU A 573 14.00 13.32 -22.49
C GLU A 573 14.35 11.85 -22.65
N LEU A 574 14.42 11.14 -21.52
CA LEU A 574 14.74 9.70 -21.52
C LEU A 574 13.46 8.85 -21.58
N PRO A 575 13.57 7.60 -22.09
CA PRO A 575 12.40 6.72 -22.08
C PRO A 575 11.93 6.34 -20.69
N VAL A 576 10.68 5.88 -20.59
CA VAL A 576 10.09 5.41 -19.32
C VAL A 576 11.01 4.45 -18.56
N LEU A 577 11.58 3.47 -19.26
CA LEU A 577 12.49 2.48 -18.65
C LEU A 577 13.65 3.15 -17.91
N SER A 578 14.34 4.07 -18.56
CA SER A 578 15.44 4.80 -17.94
C SER A 578 14.99 5.72 -16.78
N ALA A 579 13.81 6.32 -16.92
CA ALA A 579 13.23 7.19 -15.87
C ALA A 579 12.96 6.42 -14.56
N LEU A 580 12.47 5.19 -14.70
CA LEU A 580 12.16 4.34 -13.54
C LEU A 580 13.39 4.15 -12.66
N GLU A 581 14.54 3.87 -13.30
CA GLU A 581 15.83 3.77 -12.61
C GLU A 581 16.10 4.99 -11.74
N LEU A 582 15.82 6.17 -12.28
CA LEU A 582 16.15 7.44 -11.62
C LEU A 582 15.32 7.72 -10.36
N LEU A 583 14.16 7.06 -10.23
CA LEU A 583 13.31 7.20 -9.03
C LEU A 583 13.84 6.47 -7.78
N ASP A 584 14.93 5.71 -7.91
CA ASP A 584 15.53 4.97 -6.80
C ASP A 584 16.22 5.91 -5.80
N PHE A 585 16.45 5.44 -4.57
CA PHE A 585 17.03 6.25 -3.48
C PHE A 585 18.43 6.82 -3.77
N SER A 586 19.19 6.14 -4.62
CA SER A 586 20.51 6.61 -5.08
C SER A 586 20.53 8.03 -5.67
N PHE A 587 19.38 8.53 -6.14
CA PHE A 587 19.26 9.82 -6.80
C PHE A 587 18.29 10.74 -6.03
N PRO A 588 18.69 11.20 -4.83
CA PRO A 588 17.79 11.96 -3.97
C PRO A 588 17.52 13.40 -4.41
N ASP A 589 18.33 13.95 -5.33
CA ASP A 589 18.20 15.36 -5.76
C ASP A 589 16.82 15.63 -6.37
N CYS A 590 16.27 16.81 -6.05
CA CYS A 590 14.92 17.19 -6.51
C CYS A 590 14.86 17.36 -8.03
N HIS A 591 15.94 17.89 -8.61
CA HIS A 591 16.03 18.07 -10.07
C HIS A 591 16.06 16.77 -10.82
N VAL A 592 16.67 15.73 -10.23
CA VAL A 592 16.72 14.40 -10.83
C VAL A 592 15.34 13.75 -10.84
N GLY A 593 14.66 13.81 -9.69
CA GLY A 593 13.30 13.29 -9.55
C GLY A 593 12.32 14.04 -10.43
N SER A 594 12.50 15.35 -10.54
CA SER A 594 11.68 16.17 -11.42
C SER A 594 11.87 15.75 -12.87
N PHE A 595 13.13 15.62 -13.29
CA PHE A 595 13.48 15.05 -14.60
C PHE A 595 12.84 13.66 -14.79
N ALA A 596 12.94 12.82 -13.76
CA ALA A 596 12.36 11.48 -13.81
C ALA A 596 10.85 11.53 -14.10
N ILE A 597 10.11 12.32 -13.31
CA ILE A 597 8.66 12.49 -13.52
C ILE A 597 8.39 13.12 -14.88
N LYS A 598 9.19 14.11 -15.27
CA LYS A 598 9.05 14.75 -16.57
C LYS A 598 9.00 13.72 -17.70
N SER A 599 9.80 12.65 -17.57
CA SER A 599 9.80 11.52 -18.52
C SER A 599 8.69 10.47 -18.32
N LEU A 600 8.10 10.38 -17.13
CA LEU A 600 6.97 9.47 -16.88
C LEU A 600 5.58 10.01 -17.33
N ARG A 601 5.50 11.29 -17.68
CA ARG A 601 4.22 11.88 -18.16
C ARG A 601 3.73 11.31 -19.50
N LYS A 602 4.63 10.68 -20.27
CA LYS A 602 4.22 9.98 -21.50
C LYS A 602 3.50 8.64 -21.25
N LEU A 603 3.58 8.11 -20.03
CA LEU A 603 2.83 6.90 -19.65
C LEU A 603 1.34 7.04 -19.93
N THR A 604 0.79 6.09 -20.68
CA THR A 604 -0.66 5.87 -20.77
C THR A 604 -1.13 5.29 -19.45
N ASP A 605 -2.43 5.43 -19.18
CA ASP A 605 -3.05 4.90 -17.96
C ASP A 605 -2.83 3.39 -17.79
N ASP A 606 -2.96 2.62 -18.87
CA ASP A 606 -2.73 1.16 -18.83
C ASP A 606 -1.33 0.79 -18.29
N GLU A 607 -0.30 1.39 -18.87
CA GLU A 607 1.08 1.09 -18.49
C GLU A 607 1.42 1.67 -17.11
N LEU A 608 0.91 2.85 -16.78
CA LEU A 608 1.06 3.41 -15.42
C LEU A 608 0.54 2.45 -14.36
N PHE A 609 -0.60 1.84 -14.65
CA PHE A 609 -1.22 0.86 -13.78
C PHE A 609 -0.28 -0.32 -13.46
N GLN A 610 0.49 -0.79 -14.45
CA GLN A 610 1.48 -1.86 -14.24
C GLN A 610 2.60 -1.49 -13.26
N TYR A 611 2.91 -0.20 -13.11
CA TYR A 611 3.97 0.28 -12.22
C TYR A 611 3.48 1.04 -10.97
N LEU A 612 2.16 1.21 -10.84
CA LEU A 612 1.58 1.99 -9.72
C LEU A 612 2.08 1.55 -8.35
N LEU A 613 2.08 0.24 -8.10
CA LEU A 613 2.61 -0.31 -6.85
C LEU A 613 4.05 0.15 -6.58
N GLN A 614 4.88 0.15 -7.63
CA GLN A 614 6.30 0.51 -7.46
C GLN A 614 6.46 2.00 -7.17
N LEU A 615 5.72 2.83 -7.90
CA LEU A 615 5.74 4.27 -7.69
C LEU A 615 5.29 4.64 -6.26
N VAL A 616 4.25 3.99 -5.73
CA VAL A 616 3.75 4.32 -4.37
C VAL A 616 4.83 4.03 -3.30
N GLN A 617 5.56 2.92 -3.45
CA GLN A 617 6.62 2.56 -2.48
C GLN A 617 7.79 3.55 -2.49
N VAL A 618 8.10 4.11 -3.67
CA VAL A 618 9.12 5.15 -3.81
C VAL A 618 8.81 6.42 -2.98
N LEU A 619 7.53 6.69 -2.68
CA LEU A 619 7.18 7.81 -1.78
C LEU A 619 7.89 7.72 -0.41
N LYS A 620 8.16 6.51 0.06
CA LYS A 620 8.92 6.30 1.30
C LYS A 620 10.37 6.79 1.25
N TYR A 621 10.89 7.05 0.06
CA TYR A 621 12.26 7.56 -0.11
C TYR A 621 12.31 9.09 -0.16
N GLU A 622 11.17 9.73 -0.34
CA GLU A 622 11.13 11.19 -0.48
C GLU A 622 11.49 11.89 0.83
N SER A 623 12.18 13.02 0.73
CA SER A 623 12.58 13.80 1.88
C SER A 623 11.42 14.65 2.42
N TYR A 624 10.75 15.35 1.52
CA TYR A 624 9.70 16.31 1.85
C TYR A 624 8.32 15.78 1.44
N LEU A 625 7.27 16.40 1.99
CA LEU A 625 5.90 15.96 1.75
C LEU A 625 5.43 16.34 0.35
N ASP A 626 5.60 17.61 0.01
CA ASP A 626 5.34 18.10 -1.33
C ASP A 626 6.50 17.68 -2.23
N CYS A 627 6.20 16.83 -3.21
CA CYS A 627 7.21 16.41 -4.19
C CYS A 627 6.56 16.21 -5.55
N GLU A 628 7.38 16.25 -6.61
CA GLU A 628 6.88 16.08 -7.98
C GLU A 628 6.17 14.73 -8.20
N LEU A 629 6.66 13.67 -7.56
CA LEU A 629 6.04 12.34 -7.64
C LEU A 629 4.66 12.31 -6.99
N THR A 630 4.48 13.01 -5.88
CA THR A 630 3.16 13.08 -5.22
C THR A 630 2.16 13.82 -6.12
N LYS A 631 2.57 14.96 -6.68
CA LYS A 631 1.72 15.70 -7.62
C LYS A 631 1.34 14.82 -8.80
N PHE A 632 2.30 14.04 -9.29
CA PHE A 632 2.10 13.20 -10.46
C PHE A 632 1.02 12.16 -10.20
N LEU A 633 1.20 11.40 -9.12
CA LEU A 633 0.24 10.38 -8.72
C LEU A 633 -1.18 10.94 -8.48
N LEU A 634 -1.28 12.10 -7.85
CA LEU A 634 -2.59 12.73 -7.62
C LEU A 634 -3.21 13.18 -8.94
N ASP A 635 -2.43 13.83 -9.81
CA ASP A 635 -2.88 14.20 -11.16
C ASP A 635 -3.51 13.02 -11.89
N ARG A 636 -2.82 11.89 -11.91
CA ARG A 636 -3.30 10.72 -12.65
C ARG A 636 -4.49 10.09 -11.94
N ALA A 637 -4.49 10.14 -10.60
CA ALA A 637 -5.61 9.64 -9.79
C ALA A 637 -6.89 10.43 -10.07
N LEU A 638 -6.75 11.74 -10.23
CA LEU A 638 -7.90 12.62 -10.47
C LEU A 638 -8.39 12.58 -11.93
N ALA A 639 -7.55 12.08 -12.84
CA ALA A 639 -7.89 12.02 -14.27
C ALA A 639 -8.46 10.66 -14.68
N ASN A 640 -8.14 9.61 -13.91
CA ASN A 640 -8.64 8.25 -14.11
C ASN A 640 -9.09 7.68 -12.76
N ARG A 641 -10.38 7.33 -12.67
CA ARG A 641 -10.97 6.84 -11.44
C ARG A 641 -10.37 5.48 -11.03
N LYS A 642 -10.13 4.60 -12.00
CA LYS A 642 -9.52 3.28 -11.74
C LYS A 642 -8.15 3.40 -11.07
N ILE A 643 -7.30 4.29 -11.58
CA ILE A 643 -5.98 4.56 -10.97
C ILE A 643 -6.10 5.10 -9.54
N GLY A 644 -7.01 6.06 -9.32
CA GLY A 644 -7.26 6.61 -7.99
C GLY A 644 -7.73 5.57 -6.98
N HIS A 645 -8.60 4.68 -7.41
CA HIS A 645 -9.06 3.56 -6.58
C HIS A 645 -7.90 2.78 -6.03
N PHE A 646 -7.02 2.33 -6.91
CA PHE A 646 -5.87 1.54 -6.49
C PHE A 646 -4.81 2.37 -5.78
N LEU A 647 -4.64 3.63 -6.18
CA LEU A 647 -3.79 4.54 -5.41
C LEU A 647 -4.29 4.57 -3.96
N PHE A 648 -5.60 4.77 -3.78
CA PHE A 648 -6.20 4.84 -2.46
C PHE A 648 -5.87 3.61 -1.60
N TRP A 649 -6.11 2.42 -2.13
CA TRP A 649 -5.93 1.19 -1.34
C TRP A 649 -4.48 0.90 -1.05
N HIS A 650 -3.59 1.17 -2.01
CA HIS A 650 -2.15 1.00 -1.77
C HIS A 650 -1.73 1.85 -0.61
N LEU A 651 -2.15 3.11 -0.59
CA LEU A 651 -1.82 4.03 0.53
C LEU A 651 -2.56 3.66 1.83
N ARG A 652 -3.87 3.41 1.72
CA ARG A 652 -4.72 3.05 2.87
C ARG A 652 -4.24 1.82 3.63
N SER A 653 -3.74 0.82 2.92
CA SER A 653 -3.27 -0.42 3.53
C SER A 653 -1.90 -0.33 4.25
N GLU A 654 -1.26 0.83 4.21
CA GLU A 654 -0.05 1.09 5.01
C GLU A 654 -0.21 2.18 6.10
N MET A 655 -1.43 2.63 6.38
CA MET A 655 -1.70 3.64 7.44
C MET A 655 -1.41 3.14 8.87
N HIS A 656 -1.36 1.82 9.05
CA HIS A 656 -0.89 1.22 10.31
C HIS A 656 0.60 1.28 10.53
N VAL A 657 1.38 1.71 9.52
CA VAL A 657 2.83 1.73 9.62
C VAL A 657 3.27 3.16 10.00
N PRO A 658 3.70 3.36 11.26
CA PRO A 658 4.01 4.74 11.70
C PRO A 658 4.93 5.53 10.76
N SER A 659 5.91 4.85 10.15
CA SER A 659 6.86 5.44 9.20
C SER A 659 6.17 6.34 8.17
N VAL A 660 5.10 5.82 7.56
CA VAL A 660 4.39 6.46 6.43
C VAL A 660 2.95 6.94 6.75
N ALA A 661 2.46 6.71 7.97
CA ALA A 661 1.10 7.12 8.35
C ALA A 661 0.78 8.58 8.01
N LEU A 662 1.72 9.48 8.36
CA LEU A 662 1.55 10.91 8.10
C LEU A 662 1.57 11.21 6.61
N ARG A 663 2.63 10.79 5.92
CA ARG A 663 2.78 11.06 4.48
C ARG A 663 1.58 10.55 3.70
N PHE A 664 1.29 9.27 3.88
CA PHE A 664 0.16 8.63 3.19
C PHE A 664 -1.19 9.26 3.60
N GLY A 665 -1.32 9.60 4.89
CA GLY A 665 -2.52 10.26 5.38
C GLY A 665 -2.82 11.54 4.60
N LEU A 666 -1.80 12.37 4.41
CA LEU A 666 -1.96 13.64 3.69
C LEU A 666 -2.31 13.44 2.20
N ILE A 667 -1.73 12.43 1.54
CA ILE A 667 -2.07 12.14 0.12
C ILE A 667 -3.52 11.63 -0.01
N LEU A 668 -3.93 10.71 0.85
CA LEU A 668 -5.32 10.21 0.87
C LEU A 668 -6.36 11.34 1.07
N GLU A 669 -6.04 12.34 1.90
CA GLU A 669 -6.94 13.48 2.13
C GLU A 669 -7.13 14.31 0.88
N ALA A 670 -6.02 14.64 0.22
CA ALA A 670 -6.06 15.37 -1.05
C ALA A 670 -6.85 14.61 -2.12
N TYR A 671 -6.63 13.30 -2.20
CA TYR A 671 -7.34 12.46 -3.17
C TYR A 671 -8.86 12.54 -2.96
N CYS A 672 -9.29 12.27 -1.74
CA CYS A 672 -10.72 12.29 -1.37
C CYS A 672 -11.43 13.58 -1.78
N ARG A 673 -10.80 14.70 -1.47
CA ARG A 673 -11.31 16.04 -1.79
C ARG A 673 -11.56 16.30 -3.28
N GLY A 674 -10.78 15.65 -4.15
CA GLY A 674 -11.01 15.69 -5.59
C GLY A 674 -11.75 14.48 -6.14
N SER A 675 -12.36 13.69 -5.25
CA SER A 675 -12.92 12.38 -5.60
C SER A 675 -14.08 12.05 -4.64
N THR A 676 -15.05 12.94 -4.56
CA THR A 676 -16.19 12.77 -3.65
C THR A 676 -17.16 11.68 -4.10
N HIS A 677 -17.25 11.44 -5.41
CA HIS A 677 -18.06 10.33 -5.94
C HIS A 677 -17.50 9.03 -5.46
N HIS A 678 -16.21 8.84 -5.70
CA HIS A 678 -15.55 7.58 -5.36
C HIS A 678 -15.37 7.39 -3.88
N MET A 679 -15.45 8.47 -3.09
CA MET A 679 -15.51 8.37 -1.62
C MET A 679 -16.69 7.53 -1.17
N LYS A 680 -17.83 7.70 -1.83
CA LYS A 680 -19.04 6.96 -1.49
C LYS A 680 -18.86 5.48 -1.85
N VAL A 681 -18.14 5.20 -2.93
CA VAL A 681 -17.76 3.81 -3.25
C VAL A 681 -16.79 3.27 -2.20
N LEU A 682 -15.76 4.06 -1.88
CA LEU A 682 -14.72 3.61 -0.93
C LEU A 682 -15.26 3.47 0.50
N MET A 683 -16.16 4.37 0.91
CA MET A 683 -16.86 4.26 2.19
C MET A 683 -17.59 2.92 2.31
N LYS A 684 -18.34 2.55 1.27
CA LYS A 684 -19.12 1.30 1.26
C LYS A 684 -18.19 0.06 1.36
N GLN A 685 -17.05 0.12 0.66
CA GLN A 685 -16.07 -0.96 0.71
C GLN A 685 -15.44 -1.11 2.09
N GLY A 686 -15.12 0.03 2.72
CA GLY A 686 -14.52 0.03 4.05
C GLY A 686 -15.39 -0.64 5.09
N GLU A 687 -16.69 -0.36 5.04
CA GLU A 687 -17.65 -0.92 5.99
C GLU A 687 -18.00 -2.36 5.68
N ALA A 688 -17.90 -2.75 4.40
CA ALA A 688 -17.89 -4.17 4.01
C ALA A 688 -16.69 -4.84 4.64
N LEU A 689 -15.53 -4.20 4.53
CA LEU A 689 -14.27 -4.74 5.06
C LEU A 689 -14.24 -4.80 6.57
N SER A 690 -14.89 -3.82 7.21
CA SER A 690 -14.96 -3.77 8.66
C SER A 690 -15.84 -4.87 9.25
N LYS A 691 -16.95 -5.17 8.58
CA LYS A 691 -17.84 -6.26 8.98
C LYS A 691 -17.23 -7.65 8.80
N LEU A 692 -16.48 -7.85 7.71
CA LEU A 692 -15.82 -9.13 7.44
C LEU A 692 -14.73 -9.46 8.47
N LYS A 693 -13.95 -8.46 8.88
CA LYS A 693 -12.96 -8.61 9.97
C LYS A 693 -13.63 -9.13 11.22
N ALA A 694 -14.71 -8.46 11.62
CA ALA A 694 -15.55 -8.89 12.73
C ALA A 694 -16.12 -10.29 12.53
N LEU A 695 -16.59 -10.57 11.31
CA LEU A 695 -17.14 -11.87 10.94
C LEU A 695 -16.09 -12.99 10.95
N ASN A 696 -14.87 -12.66 10.53
CA ASN A 696 -13.75 -13.60 10.58
C ASN A 696 -13.23 -13.84 12.02
N ASP A 697 -13.28 -12.81 12.86
CA ASP A 697 -12.90 -12.94 14.29
C ASP A 697 -13.85 -13.86 15.06
N PHE A 698 -15.15 -13.71 14.79
CA PHE A 698 -16.18 -14.59 15.36
C PHE A 698 -15.95 -16.05 14.95
N VAL A 699 -15.66 -16.26 13.66
CA VAL A 699 -15.34 -17.59 13.13
C VAL A 699 -14.04 -18.14 13.74
N LYS A 700 -13.08 -17.27 14.03
CA LYS A 700 -11.86 -17.67 14.75
C LYS A 700 -12.14 -18.03 16.22
N LEU A 701 -13.01 -17.26 16.87
CA LEU A 701 -13.44 -17.55 18.25
C LEU A 701 -14.29 -18.82 18.34
N SER A 702 -15.08 -19.10 17.30
CA SER A 702 -16.00 -20.25 17.27
C SER A 702 -15.35 -21.56 16.84
N SER A 703 -14.43 -21.51 15.87
CA SER A 703 -13.77 -22.70 15.32
C SER A 703 -12.89 -23.49 16.28
N GLN A 704 -12.35 -22.80 17.30
CA GLN A 704 -11.55 -23.46 18.34
C GLN A 704 -12.45 -24.28 19.28
N LYS A 705 -13.60 -23.73 19.64
CA LYS A 705 -14.56 -24.38 20.55
C LYS A 705 -15.39 -25.44 19.83
N THR A 706 -16.10 -25.02 18.78
CA THR A 706 -17.05 -25.86 18.05
C THR A 706 -16.46 -26.41 16.75
N PRO A 707 -17.06 -27.49 16.19
CA PRO A 707 -16.66 -27.97 14.85
C PRO A 707 -17.16 -27.08 13.70
N LYS A 708 -16.76 -27.41 12.47
CA LYS A 708 -16.99 -26.57 11.30
C LYS A 708 -18.48 -26.38 10.90
N PRO A 709 -19.25 -27.48 10.76
CA PRO A 709 -20.66 -27.35 10.34
C PRO A 709 -21.51 -26.38 11.19
N GLN A 710 -21.34 -26.46 12.52
CA GLN A 710 -22.02 -25.53 13.44
C GLN A 710 -21.47 -24.09 13.34
N THR A 711 -20.16 -23.94 13.19
CA THR A 711 -19.53 -22.64 13.00
C THR A 711 -19.94 -22.02 11.65
N LYS A 712 -20.00 -22.86 10.62
CA LYS A 712 -20.51 -22.47 9.29
C LYS A 712 -21.96 -21.98 9.37
N GLU A 713 -22.79 -22.69 10.14
CA GLU A 713 -24.17 -22.25 10.42
C GLU A 713 -24.18 -20.92 11.18
N LEU A 714 -23.36 -20.82 12.23
CA LEU A 714 -23.26 -19.59 13.04
C LEU A 714 -22.65 -18.39 12.28
N MET A 715 -21.86 -18.65 11.24
CA MET A 715 -21.37 -17.59 10.34
C MET A 715 -22.54 -16.97 9.56
N HIS A 716 -23.43 -17.83 9.06
CA HIS A 716 -24.59 -17.38 8.28
C HIS A 716 -25.59 -16.62 9.12
N LEU A 717 -25.81 -17.06 10.36
CA LEU A 717 -26.74 -16.39 11.28
C LEU A 717 -26.27 -14.97 11.64
N CYS A 718 -24.96 -14.76 11.70
CA CYS A 718 -24.38 -13.42 11.85
C CYS A 718 -24.54 -12.63 10.55
N MET A 719 -24.17 -13.24 9.42
CA MET A 719 -24.26 -12.59 8.10
C MET A 719 -25.67 -12.09 7.73
N ARG A 720 -26.70 -12.84 8.14
CA ARG A 720 -28.09 -12.51 7.81
C ARG A 720 -28.67 -11.33 8.63
N GLN A 721 -27.93 -10.87 9.65
CA GLN A 721 -28.29 -9.64 10.38
C GLN A 721 -28.29 -8.42 9.45
N GLU A 722 -29.30 -7.57 9.59
CA GLU A 722 -29.47 -6.37 8.75
C GLU A 722 -28.19 -5.55 8.60
N ALA A 723 -27.55 -5.27 9.74
CA ALA A 723 -26.29 -4.52 9.78
C ALA A 723 -25.19 -5.15 8.91
N TYR A 724 -25.08 -6.48 8.97
CA TYR A 724 -24.11 -7.22 8.17
C TYR A 724 -24.56 -7.34 6.71
N LEU A 725 -25.75 -7.88 6.51
CA LEU A 725 -26.28 -8.14 5.16
C LEU A 725 -26.27 -6.90 4.26
N GLU A 726 -26.75 -5.77 4.79
CA GLU A 726 -26.76 -4.50 4.04
C GLU A 726 -25.36 -3.95 3.78
N ALA A 727 -24.44 -4.16 4.72
CA ALA A 727 -23.05 -3.69 4.57
C ALA A 727 -22.28 -4.50 3.54
N LEU A 728 -22.45 -5.83 3.58
CA LEU A 728 -21.79 -6.73 2.63
C LEU A 728 -22.46 -6.70 1.26
N SER A 729 -23.75 -6.34 1.19
CA SER A 729 -24.48 -6.32 -0.08
C SER A 729 -24.15 -5.08 -0.88
N HIS A 730 -24.40 -5.15 -2.19
CA HIS A 730 -24.43 -4.00 -3.10
C HIS A 730 -23.27 -3.05 -2.97
N LEU A 731 -22.07 -3.53 -3.26
CA LEU A 731 -20.88 -2.68 -3.34
C LEU A 731 -20.06 -3.01 -4.58
N GLN A 732 -19.30 -2.03 -5.06
CA GLN A 732 -18.28 -2.27 -6.08
C GLN A 732 -17.14 -3.06 -5.44
N SER A 733 -16.61 -4.03 -6.18
CA SER A 733 -15.52 -4.87 -5.68
C SER A 733 -14.25 -4.04 -5.53
N PRO A 734 -13.58 -4.12 -4.36
CA PRO A 734 -12.25 -3.53 -4.22
C PRO A 734 -11.23 -4.08 -5.22
N LEU A 735 -11.31 -5.38 -5.51
CA LEU A 735 -10.40 -6.04 -6.46
C LEU A 735 -10.56 -5.53 -7.90
N ASP A 736 -11.79 -5.20 -8.28
CA ASP A 736 -12.07 -4.57 -9.57
C ASP A 736 -13.35 -3.70 -9.49
N PRO A 737 -13.21 -2.36 -9.45
CA PRO A 737 -14.39 -1.51 -9.24
C PRO A 737 -15.46 -1.54 -10.35
N SER A 738 -15.12 -2.09 -11.52
CA SER A 738 -16.12 -2.37 -12.56
C SER A 738 -17.02 -3.58 -12.22
N THR A 739 -16.50 -4.54 -11.45
CA THR A 739 -17.30 -5.67 -10.96
C THR A 739 -18.27 -5.20 -9.89
N LEU A 740 -19.52 -5.63 -10.00
CA LEU A 740 -20.58 -5.27 -9.05
C LEU A 740 -20.92 -6.49 -8.20
N LEU A 741 -20.58 -6.41 -6.92
CA LEU A 741 -20.96 -7.42 -5.94
C LEU A 741 -22.35 -7.02 -5.41
N ALA A 742 -23.39 -7.68 -5.92
CA ALA A 742 -24.78 -7.29 -5.66
C ALA A 742 -25.37 -7.97 -4.43
N GLU A 743 -25.81 -9.21 -4.57
CA GLU A 743 -26.51 -9.94 -3.52
C GLU A 743 -25.59 -11.05 -3.00
N VAL A 744 -25.22 -10.98 -1.72
CA VAL A 744 -24.42 -12.02 -1.08
C VAL A 744 -25.23 -13.33 -0.99
N CYS A 745 -24.65 -14.41 -1.52
CA CYS A 745 -25.26 -15.74 -1.42
C CYS A 745 -24.78 -16.39 -0.13
N VAL A 746 -25.56 -16.21 0.93
CA VAL A 746 -25.17 -16.61 2.29
C VAL A 746 -25.00 -18.14 2.42
N GLU A 747 -25.83 -18.90 1.71
CA GLU A 747 -25.73 -20.37 1.73
C GLU A 747 -24.39 -20.86 1.16
N GLN A 748 -23.92 -20.22 0.08
CA GLN A 748 -22.67 -20.60 -0.58
C GLN A 748 -21.40 -20.02 0.06
N CYS A 749 -21.56 -19.16 1.08
CA CYS A 749 -20.43 -18.64 1.83
C CYS A 749 -19.87 -19.69 2.79
N THR A 750 -18.58 -19.60 3.07
CA THR A 750 -17.90 -20.58 3.95
C THR A 750 -16.51 -20.08 4.39
N PHE A 751 -15.74 -20.96 5.03
CA PHE A 751 -14.36 -20.67 5.42
C PHE A 751 -13.51 -21.96 5.48
N MET A 752 -12.20 -21.81 5.28
CA MET A 752 -11.25 -22.92 5.38
C MET A 752 -10.79 -23.02 6.84
N ASP A 753 -10.93 -24.21 7.45
CA ASP A 753 -10.71 -24.40 8.90
C ASP A 753 -9.23 -24.62 9.30
N SER A 754 -8.29 -24.10 8.50
CA SER A 754 -6.86 -24.17 8.81
C SER A 754 -6.19 -22.81 8.64
N LYS A 755 -5.00 -22.65 9.22
CA LYS A 755 -4.15 -21.47 9.04
C LYS A 755 -4.85 -20.18 9.52
N MET A 756 -4.84 -19.10 8.72
CA MET A 756 -5.49 -17.83 9.10
C MET A 756 -7.02 -17.81 8.93
N LYS A 757 -7.58 -18.92 8.45
CA LYS A 757 -9.03 -19.16 8.43
C LYS A 757 -9.79 -18.19 7.50
N PRO A 758 -9.39 -18.14 6.21
CA PRO A 758 -9.92 -17.18 5.25
C PRO A 758 -11.38 -17.41 4.90
N LEU A 759 -12.16 -16.33 4.85
CA LEU A 759 -13.57 -16.39 4.51
C LEU A 759 -13.76 -16.46 3.00
N TRP A 760 -14.71 -17.29 2.58
CA TRP A 760 -15.11 -17.45 1.19
C TRP A 760 -16.48 -16.86 1.10
N ILE A 761 -16.59 -15.70 0.46
CA ILE A 761 -17.85 -14.96 0.34
C ILE A 761 -18.24 -14.95 -1.13
N MET A 762 -19.45 -15.41 -1.43
CA MET A 762 -19.97 -15.48 -2.80
C MET A 762 -21.09 -14.48 -3.05
N TYR A 763 -21.09 -13.88 -4.23
CA TYR A 763 -22.12 -12.92 -4.67
C TYR A 763 -22.82 -13.39 -5.93
N SER A 764 -24.00 -12.83 -6.18
CA SER A 764 -24.76 -13.08 -7.42
C SER A 764 -25.12 -11.77 -8.13
N ASN A 765 -25.51 -11.88 -9.39
CA ASN A 765 -25.95 -10.74 -10.21
C ASN A 765 -26.75 -11.25 -11.41
N GLU A 766 -28.08 -11.17 -11.32
CA GLU A 766 -28.99 -11.65 -12.39
C GLU A 766 -28.91 -10.83 -13.67
N GLU A 767 -28.48 -9.58 -13.56
CA GLU A 767 -28.27 -8.71 -14.74
C GLU A 767 -27.05 -9.12 -15.59
N ALA A 768 -26.06 -9.76 -14.98
CA ALA A 768 -24.80 -10.08 -15.67
C ALA A 768 -24.93 -11.20 -16.73
N GLY A 769 -24.86 -12.47 -16.32
CA GLY A 769 -24.93 -13.60 -17.26
C GLY A 769 -24.32 -14.89 -16.73
N SER A 770 -23.58 -15.59 -17.59
CA SER A 770 -22.90 -16.85 -17.23
C SER A 770 -21.83 -16.64 -16.17
N GLY A 771 -21.10 -15.52 -16.26
CA GLY A 771 -20.20 -15.07 -15.20
C GLY A 771 -20.87 -14.13 -14.21
N GLY A 772 -22.15 -14.39 -13.91
CA GLY A 772 -22.91 -13.59 -12.95
C GLY A 772 -22.47 -13.82 -11.51
N SER A 773 -22.10 -15.05 -11.19
CA SER A 773 -21.49 -15.36 -9.90
C SER A 773 -20.04 -14.85 -9.85
N VAL A 774 -19.71 -14.16 -8.77
CA VAL A 774 -18.34 -13.76 -8.46
C VAL A 774 -18.06 -14.09 -7.00
N GLY A 775 -16.78 -14.20 -6.67
CA GLY A 775 -16.36 -14.59 -5.33
C GLY A 775 -15.24 -13.69 -4.85
N ILE A 776 -15.11 -13.58 -3.52
CA ILE A 776 -13.96 -12.94 -2.91
C ILE A 776 -13.53 -13.80 -1.71
N ILE A 777 -12.22 -13.90 -1.51
CA ILE A 777 -11.66 -14.47 -0.29
C ILE A 777 -11.21 -13.30 0.57
N PHE A 778 -11.72 -13.23 1.79
CA PHE A 778 -11.21 -12.29 2.79
C PHE A 778 -10.30 -13.07 3.73
N LYS A 779 -9.01 -12.72 3.74
CA LYS A 779 -8.04 -13.34 4.63
C LYS A 779 -7.47 -12.27 5.56
N ASN A 780 -7.32 -12.62 6.84
CA ASN A 780 -6.78 -11.71 7.85
C ASN A 780 -5.78 -12.45 8.74
N GLY A 781 -4.49 -12.08 8.63
CA GLY A 781 -3.41 -12.73 9.36
C GLY A 781 -2.08 -12.81 8.61
N ASP A 782 -2.15 -12.95 7.28
CA ASP A 782 -0.98 -12.83 6.40
C ASP A 782 -0.86 -11.44 5.83
N ASP A 783 0.36 -11.10 5.45
CA ASP A 783 0.70 -9.89 4.71
C ASP A 783 0.63 -10.29 3.24
N LEU A 784 -0.29 -9.67 2.49
CA LEU A 784 -0.57 -10.06 1.08
C LEU A 784 0.23 -9.31 0.01
N ARG A 785 1.19 -8.48 0.42
CA ARG A 785 1.94 -7.63 -0.51
C ARG A 785 2.84 -8.44 -1.45
N GLN A 786 3.54 -9.42 -0.92
CA GLN A 786 4.40 -10.30 -1.72
C GLN A 786 3.61 -11.21 -2.67
N ASP A 787 2.39 -11.58 -2.27
CA ASP A 787 1.49 -12.31 -3.16
C ASP A 787 0.95 -11.40 -4.27
N MET A 788 0.70 -10.13 -3.92
CA MET A 788 0.30 -9.13 -4.92
C MET A 788 1.44 -8.80 -5.89
N LEU A 789 2.64 -8.60 -5.36
CA LEU A 789 3.81 -8.26 -6.18
C LEU A 789 4.08 -9.34 -7.20
N THR A 790 4.04 -10.60 -6.75
CA THR A 790 4.28 -11.76 -7.61
C THR A 790 3.17 -11.90 -8.64
N LEU A 791 1.92 -11.75 -8.22
CA LEU A 791 0.77 -11.77 -9.13
C LEU A 791 0.84 -10.63 -10.15
N GLN A 792 1.24 -9.45 -9.69
CA GLN A 792 1.44 -8.30 -10.57
C GLN A 792 2.51 -8.58 -11.63
N MET A 793 3.62 -9.22 -11.23
CA MET A 793 4.70 -9.53 -12.17
C MET A 793 4.31 -10.58 -13.21
N ILE A 794 3.52 -11.57 -12.82
CA ILE A 794 2.96 -12.53 -13.77
C ILE A 794 2.00 -11.86 -14.75
N GLN A 795 1.20 -10.91 -14.27
CA GLN A 795 0.36 -10.07 -15.14
C GLN A 795 1.21 -9.28 -16.15
N LEU A 796 2.37 -8.79 -15.73
CA LEU A 796 3.26 -8.01 -16.60
C LEU A 796 3.80 -8.85 -17.73
N MET A 797 4.24 -10.06 -17.38
CA MET A 797 4.72 -11.05 -18.34
C MET A 797 3.62 -11.39 -19.35
N ASP A 798 2.41 -11.61 -18.85
CA ASP A 798 1.24 -11.91 -19.71
C ASP A 798 0.95 -10.79 -20.70
N VAL A 799 1.11 -9.53 -20.27
CA VAL A 799 1.02 -8.39 -21.17
C VAL A 799 2.20 -8.40 -22.16
N LEU A 800 3.42 -8.54 -21.63
CA LEU A 800 4.63 -8.58 -22.46
C LEU A 800 4.61 -9.70 -23.52
N TRP A 801 4.02 -10.86 -23.18
CA TRP A 801 3.86 -11.96 -24.15
C TRP A 801 2.81 -11.64 -25.18
N LYS A 802 1.66 -11.15 -24.72
CA LYS A 802 0.55 -10.79 -25.61
C LYS A 802 0.94 -9.75 -26.67
N GLN A 803 1.74 -8.76 -26.27
CA GLN A 803 2.26 -7.72 -27.18
C GLN A 803 3.06 -8.24 -28.39
N GLU A 804 3.71 -9.40 -28.21
CA GLU A 804 4.42 -10.10 -29.30
C GLU A 804 3.56 -11.19 -29.95
N GLY A 805 2.25 -11.15 -29.73
CA GLY A 805 1.31 -12.11 -30.30
C GLY A 805 1.35 -13.52 -29.73
N LEU A 806 1.68 -13.63 -28.44
CA LEU A 806 1.73 -14.92 -27.73
C LEU A 806 0.81 -14.85 -26.52
N ASP A 807 -0.29 -15.62 -26.58
CA ASP A 807 -1.23 -15.73 -25.47
C ASP A 807 -0.97 -17.09 -24.84
N LEU A 808 -0.47 -17.09 -23.61
CA LEU A 808 -0.18 -18.31 -22.87
C LEU A 808 -1.27 -18.65 -21.84
N ARG A 809 -2.49 -18.13 -22.03
CA ARG A 809 -3.66 -18.45 -21.20
C ARG A 809 -3.44 -18.41 -19.69
N MET A 810 -2.86 -17.32 -19.20
CA MET A 810 -2.56 -17.18 -17.77
C MET A 810 -3.81 -16.78 -17.00
N THR A 811 -3.73 -16.85 -15.67
CA THR A 811 -4.80 -16.44 -14.77
C THR A 811 -4.18 -15.54 -13.69
N PRO A 812 -3.91 -14.28 -14.05
CA PRO A 812 -3.45 -13.32 -13.07
C PRO A 812 -4.66 -12.69 -12.33
N TYR A 813 -5.32 -13.51 -11.51
CA TYR A 813 -6.42 -13.10 -10.64
C TYR A 813 -5.99 -11.98 -9.67
N GLY A 814 -6.95 -11.18 -9.22
CA GLY A 814 -6.69 -10.02 -8.36
C GLY A 814 -6.35 -10.34 -6.92
N CYS A 815 -5.48 -9.51 -6.35
CA CYS A 815 -5.06 -9.62 -4.94
C CYS A 815 -4.77 -8.22 -4.41
N LEU A 816 -5.50 -7.81 -3.36
CA LEU A 816 -5.46 -6.42 -2.86
C LEU A 816 -5.27 -6.36 -1.33
N PRO A 817 -4.08 -5.92 -0.86
CA PRO A 817 -3.94 -5.54 0.55
C PRO A 817 -4.77 -4.31 0.87
N THR A 818 -5.65 -4.43 1.85
CA THR A 818 -6.56 -3.37 2.27
C THR A 818 -6.24 -2.83 3.67
N GLY A 819 -5.38 -3.52 4.42
CA GLY A 819 -5.11 -3.16 5.82
C GLY A 819 -3.93 -3.86 6.46
N ASP A 820 -3.85 -3.80 7.80
CA ASP A 820 -2.80 -4.51 8.56
C ASP A 820 -3.06 -6.00 8.48
N ARG A 821 -2.19 -6.70 7.76
CA ARG A 821 -2.30 -8.13 7.51
C ARG A 821 -3.74 -8.51 7.17
N THR A 822 -4.34 -7.75 6.26
CA THR A 822 -5.71 -7.95 5.80
C THR A 822 -5.80 -7.66 4.32
N GLY A 823 -6.57 -8.47 3.60
CA GLY A 823 -6.87 -8.18 2.19
C GLY A 823 -7.92 -9.07 1.57
N LEU A 824 -8.22 -8.79 0.31
CA LEU A 824 -9.12 -9.58 -0.51
C LEU A 824 -8.35 -10.23 -1.65
N ILE A 825 -8.75 -11.45 -2.00
CA ILE A 825 -8.28 -12.17 -3.18
C ILE A 825 -9.48 -12.51 -4.08
N GLU A 826 -9.29 -12.37 -5.39
CA GLU A 826 -10.32 -12.72 -6.37
C GLU A 826 -10.41 -14.24 -6.45
N VAL A 827 -11.63 -14.76 -6.34
CA VAL A 827 -11.88 -16.18 -6.52
C VAL A 827 -11.84 -16.49 -8.01
N VAL A 828 -11.07 -17.51 -8.37
CA VAL A 828 -11.16 -18.15 -9.69
C VAL A 828 -12.13 -19.32 -9.55
N LEU A 829 -13.35 -19.17 -10.07
CA LEU A 829 -14.36 -20.24 -10.00
C LEU A 829 -14.01 -21.43 -10.89
N ARG A 830 -14.76 -22.53 -10.74
CA ARG A 830 -14.62 -23.70 -11.59
C ARG A 830 -13.16 -24.16 -11.63
N SER A 831 -12.62 -24.46 -10.44
CA SER A 831 -11.23 -24.87 -10.31
C SER A 831 -10.96 -25.53 -8.96
N ASP A 832 -10.21 -26.64 -8.98
CA ASP A 832 -9.68 -27.24 -7.77
C ASP A 832 -8.16 -27.32 -7.89
N THR A 833 -7.51 -27.67 -6.78
CA THR A 833 -6.06 -27.90 -6.74
C THR A 833 -5.68 -29.30 -7.22
N ILE A 834 -4.47 -29.42 -7.76
CA ILE A 834 -3.93 -30.72 -8.24
C ILE A 834 -3.97 -31.77 -7.15
N ALA A 835 -3.61 -31.39 -5.92
CA ALA A 835 -3.65 -32.27 -4.74
C ALA A 835 -5.04 -32.89 -4.50
N ASN A 836 -6.08 -32.06 -4.57
CA ASN A 836 -7.46 -32.52 -4.38
C ASN A 836 -8.00 -33.32 -5.55
N ILE A 837 -7.65 -32.92 -6.78
CA ILE A 837 -8.05 -33.65 -7.99
C ILE A 837 -7.38 -35.02 -8.08
N GLN A 838 -6.11 -35.09 -7.70
CA GLN A 838 -5.37 -36.37 -7.67
C GLN A 838 -5.92 -37.38 -6.63
N LEU A 839 -6.56 -36.88 -5.57
CA LEU A 839 -7.31 -37.73 -4.64
C LEU A 839 -8.61 -38.18 -5.31
N LYS A 852 -4.54 -43.21 -11.15
CA LYS A 852 -3.68 -43.23 -12.34
C LYS A 852 -4.20 -42.24 -13.38
N ASP A 853 -3.34 -41.28 -13.77
CA ASP A 853 -3.68 -40.24 -14.76
C ASP A 853 -4.90 -39.41 -14.32
N ALA A 854 -4.90 -39.01 -13.04
CA ALA A 854 -6.05 -38.36 -12.41
C ALA A 854 -6.41 -37.02 -13.05
N LEU A 855 -5.40 -36.26 -13.44
CA LEU A 855 -5.60 -34.94 -14.07
C LEU A 855 -6.15 -35.06 -15.50
N LEU A 856 -5.71 -36.08 -16.24
CA LEU A 856 -6.22 -36.35 -17.59
C LEU A 856 -7.71 -36.71 -17.57
N ASN A 857 -8.13 -37.51 -16.59
CA ASN A 857 -9.52 -37.95 -16.47
C ASN A 857 -10.43 -36.86 -15.90
N TRP A 858 -9.89 -36.04 -15.00
CA TRP A 858 -10.62 -34.86 -14.52
C TRP A 858 -10.93 -33.91 -15.65
N LEU A 859 -9.94 -33.68 -16.51
CA LEU A 859 -10.12 -32.84 -17.70
C LEU A 859 -11.08 -33.45 -18.71
N LYS A 860 -11.12 -34.77 -18.78
CA LYS A 860 -12.13 -35.48 -19.60
C LYS A 860 -13.54 -35.28 -19.04
N SER A 861 -13.69 -35.39 -17.72
CA SER A 861 -14.99 -35.19 -17.06
C SER A 861 -15.49 -33.74 -17.09
N LYS A 862 -14.59 -32.78 -17.36
CA LYS A 862 -14.95 -31.38 -17.59
C LYS A 862 -14.91 -30.97 -19.07
N ASN A 863 -14.21 -31.73 -19.92
CA ASN A 863 -14.15 -31.47 -21.37
C ASN A 863 -14.30 -32.77 -22.18
N PRO A 864 -15.51 -33.34 -22.21
CA PRO A 864 -15.74 -34.57 -22.97
C PRO A 864 -15.82 -34.31 -24.47
N GLY A 865 -15.51 -35.34 -25.26
CA GLY A 865 -15.59 -35.27 -26.72
C GLY A 865 -14.61 -34.30 -27.35
N GLU A 866 -15.13 -33.43 -28.23
CA GLU A 866 -14.30 -32.47 -28.99
C GLU A 866 -13.68 -31.37 -28.12
N ALA A 867 -14.22 -31.17 -26.92
CA ALA A 867 -13.70 -30.16 -25.97
C ALA A 867 -12.31 -30.47 -25.40
N LEU A 868 -11.92 -31.75 -25.37
CA LEU A 868 -10.64 -32.18 -24.75
C LEU A 868 -9.40 -31.59 -25.42
N ASP A 869 -9.46 -31.38 -26.74
CA ASP A 869 -8.38 -30.76 -27.50
C ASP A 869 -8.14 -29.30 -27.06
N ARG A 870 -9.22 -28.58 -26.74
CA ARG A 870 -9.11 -27.23 -26.16
C ARG A 870 -8.43 -27.28 -24.79
N ALA A 871 -8.90 -28.17 -23.92
CA ALA A 871 -8.38 -28.27 -22.55
C ALA A 871 -6.88 -28.58 -22.49
N ILE A 872 -6.41 -29.48 -23.34
CA ILE A 872 -4.98 -29.81 -23.42
C ILE A 872 -4.16 -28.64 -23.96
N GLU A 873 -4.68 -27.94 -24.97
CA GLU A 873 -4.02 -26.74 -25.50
C GLU A 873 -4.04 -25.58 -24.46
N GLU A 874 -5.13 -25.46 -23.70
CA GLU A 874 -5.18 -24.53 -22.57
C GLU A 874 -4.19 -24.92 -21.48
N PHE A 875 -4.03 -26.23 -21.24
CA PHE A 875 -3.05 -26.73 -20.26
C PHE A 875 -1.62 -26.47 -20.69
N THR A 876 -1.29 -26.84 -21.93
CA THR A 876 0.07 -26.73 -22.47
C THR A 876 0.57 -25.29 -22.52
N LEU A 877 -0.25 -24.40 -23.06
CA LEU A 877 0.09 -22.97 -23.14
C LEU A 877 0.33 -22.37 -21.75
N SER A 878 -0.60 -22.62 -20.81
CA SER A 878 -0.50 -22.11 -19.45
C SER A 878 0.63 -22.75 -18.64
N CYS A 879 0.84 -24.05 -18.81
CA CYS A 879 1.90 -24.75 -18.07
C CYS A 879 3.27 -24.15 -18.43
N ALA A 880 3.47 -23.87 -19.72
CA ALA A 880 4.69 -23.23 -20.24
C ALA A 880 4.90 -21.87 -19.64
N GLY A 881 3.82 -21.08 -19.61
CA GLY A 881 3.83 -19.73 -19.01
C GLY A 881 4.24 -19.72 -17.55
N TYR A 882 3.59 -20.57 -16.74
CA TYR A 882 3.90 -20.65 -15.31
C TYR A 882 5.19 -21.41 -14.99
N CYS A 883 5.66 -22.24 -15.92
CA CYS A 883 6.99 -22.84 -15.78
C CYS A 883 8.08 -21.78 -15.89
N VAL A 884 7.94 -20.87 -16.86
CA VAL A 884 8.93 -19.82 -17.09
C VAL A 884 8.85 -18.73 -16.03
N ALA A 885 7.62 -18.28 -15.75
CA ALA A 885 7.36 -17.25 -14.72
C ALA A 885 7.95 -17.64 -13.38
N THR A 886 7.66 -18.85 -12.91
CA THR A 886 8.20 -19.33 -11.63
C THR A 886 9.71 -19.55 -11.65
N TYR A 887 10.25 -19.87 -12.82
CA TYR A 887 11.71 -20.06 -12.98
C TYR A 887 12.43 -18.72 -12.90
N VAL A 888 11.96 -17.75 -13.70
CA VAL A 888 12.55 -16.42 -13.76
C VAL A 888 12.48 -15.74 -12.39
N LEU A 889 11.30 -15.75 -11.76
CA LEU A 889 11.10 -15.11 -10.45
C LEU A 889 11.72 -15.87 -9.26
N GLY A 890 12.22 -17.09 -9.50
CA GLY A 890 12.96 -17.83 -8.48
C GLY A 890 12.08 -18.40 -7.39
N ILE A 891 10.87 -18.81 -7.78
CA ILE A 891 9.82 -19.13 -6.82
C ILE A 891 10.02 -20.53 -6.29
N GLY A 892 10.40 -20.63 -5.01
CA GLY A 892 10.43 -21.93 -4.32
C GLY A 892 9.03 -22.32 -3.92
N ASP A 893 8.90 -23.05 -2.81
CA ASP A 893 7.60 -23.34 -2.16
C ASP A 893 6.46 -24.00 -2.97
N ARG A 894 6.72 -24.39 -4.22
CA ARG A 894 5.68 -24.99 -5.07
C ARG A 894 5.41 -26.46 -4.68
N HIS A 895 4.15 -26.85 -4.83
CA HIS A 895 3.68 -28.21 -4.50
C HIS A 895 2.24 -28.39 -4.91
N SER A 896 1.78 -29.64 -4.89
CA SER A 896 0.45 -30.03 -5.37
C SER A 896 -0.74 -29.20 -4.86
N ASP A 897 -0.64 -28.68 -3.63
CA ASP A 897 -1.76 -27.92 -3.03
C ASP A 897 -1.68 -26.38 -3.15
N ASN A 898 -0.65 -25.85 -3.82
CA ASN A 898 -0.61 -24.41 -4.21
C ASN A 898 -0.50 -24.18 -5.74
N ILE A 899 -0.77 -25.22 -6.52
CA ILE A 899 -1.03 -25.11 -7.96
C ILE A 899 -2.47 -25.58 -8.19
N MET A 900 -3.25 -24.80 -8.93
CA MET A 900 -4.65 -25.15 -9.23
C MET A 900 -4.86 -25.34 -10.73
N ILE A 901 -5.90 -26.10 -11.08
CA ILE A 901 -6.30 -26.27 -12.47
C ILE A 901 -7.75 -25.86 -12.66
N ARG A 902 -8.02 -25.27 -13.83
CA ARG A 902 -9.34 -24.80 -14.21
C ARG A 902 -10.06 -25.85 -15.04
N GLU A 903 -11.40 -25.82 -14.98
CA GLU A 903 -12.23 -26.71 -15.81
C GLU A 903 -12.06 -26.45 -17.30
N SER A 904 -11.63 -25.25 -17.68
CA SER A 904 -11.29 -24.94 -19.08
C SER A 904 -10.04 -25.66 -19.56
N GLY A 905 -9.17 -26.08 -18.64
CA GLY A 905 -7.88 -26.70 -18.95
C GLY A 905 -6.69 -25.92 -18.41
N GLN A 906 -6.89 -24.63 -18.12
CA GLN A 906 -5.81 -23.72 -17.72
C GLN A 906 -5.22 -24.06 -16.35
N LEU A 907 -3.90 -24.22 -16.31
CA LEU A 907 -3.17 -24.48 -15.06
C LEU A 907 -2.78 -23.12 -14.53
N PHE A 908 -2.81 -22.94 -13.20
CA PHE A 908 -2.35 -21.67 -12.62
C PHE A 908 -1.89 -21.80 -11.16
N HIS A 909 -0.98 -20.90 -10.78
CA HIS A 909 -0.29 -20.94 -9.50
C HIS A 909 -0.89 -19.92 -8.55
N ILE A 910 -1.03 -20.32 -7.29
CA ILE A 910 -1.61 -19.47 -6.24
C ILE A 910 -0.75 -19.35 -4.99
N ASP A 911 -1.07 -18.32 -4.21
CA ASP A 911 -0.61 -18.21 -2.82
C ASP A 911 0.91 -18.14 -2.75
N PHE A 912 1.47 -17.17 -3.46
CA PHE A 912 2.92 -17.01 -3.57
C PHE A 912 3.47 -16.48 -2.25
N GLY A 913 4.32 -17.28 -1.60
CA GLY A 913 4.95 -16.93 -0.32
C GLY A 913 6.45 -16.68 -0.35
N HIS A 914 7.14 -17.16 -1.38
CA HIS A 914 8.61 -17.09 -1.46
C HIS A 914 9.08 -16.88 -2.88
N PHE A 915 10.15 -16.10 -3.06
CA PHE A 915 10.71 -15.84 -4.39
C PHE A 915 12.18 -15.35 -4.41
N LEU A 916 12.74 -15.21 -5.61
CA LEU A 916 14.16 -14.86 -5.81
C LEU A 916 15.13 -15.83 -5.10
N GLY A 917 14.79 -17.12 -5.11
CA GLY A 917 15.59 -18.16 -4.46
C GLY A 917 15.27 -18.42 -2.99
N ASN A 918 14.71 -17.41 -2.30
CA ASN A 918 14.43 -17.50 -0.87
C ASN A 918 13.22 -18.35 -0.56
N ILE A 925 16.92 -15.54 6.18
CA ILE A 925 16.59 -16.71 5.39
C ILE A 925 17.60 -16.88 4.26
N ASN A 926 18.29 -18.02 4.24
CA ASN A 926 19.25 -18.35 3.18
C ASN A 926 18.55 -18.82 1.90
N ARG A 927 19.27 -18.78 0.78
CA ARG A 927 18.70 -19.08 -0.53
C ARG A 927 19.65 -19.83 -1.47
N GLU A 928 19.05 -20.52 -2.44
CA GLU A 928 19.76 -21.26 -3.49
C GLU A 928 19.00 -21.07 -4.80
N ARG A 929 19.68 -21.31 -5.93
CA ARG A 929 19.03 -21.19 -7.25
C ARG A 929 17.98 -22.30 -7.43
N VAL A 930 16.74 -21.89 -7.71
CA VAL A 930 15.66 -22.82 -8.05
C VAL A 930 15.89 -23.27 -9.49
N PRO A 931 15.95 -24.59 -9.75
CA PRO A 931 16.03 -24.98 -11.17
C PRO A 931 14.71 -24.77 -11.91
N PHE A 932 14.75 -24.87 -13.23
CA PHE A 932 13.53 -24.94 -14.05
C PHE A 932 12.94 -26.33 -13.78
N ILE A 933 11.61 -26.40 -13.63
CA ILE A 933 10.95 -27.59 -13.12
C ILE A 933 9.80 -28.05 -14.01
N LEU A 934 10.05 -29.12 -14.77
CA LEU A 934 9.01 -29.89 -15.44
C LEU A 934 8.57 -30.99 -14.48
N THR A 935 7.27 -31.27 -14.47
CA THR A 935 6.67 -32.28 -13.59
C THR A 935 6.04 -33.35 -14.48
N TYR A 936 6.29 -34.63 -14.15
CA TYR A 936 5.86 -35.75 -14.98
C TYR A 936 4.35 -35.73 -15.23
N ASP A 937 3.57 -35.46 -14.19
CA ASP A 937 2.11 -35.41 -14.28
C ASP A 937 1.60 -34.35 -15.28
N PHE A 938 2.30 -33.21 -15.35
CA PHE A 938 1.96 -32.17 -16.34
C PHE A 938 2.41 -32.59 -17.73
N VAL A 939 3.66 -33.05 -17.83
CA VAL A 939 4.22 -33.58 -19.10
C VAL A 939 3.36 -34.73 -19.66
N HIS A 940 2.74 -35.51 -18.76
CA HIS A 940 1.80 -36.58 -19.15
C HIS A 940 0.56 -36.05 -19.82
N VAL A 941 0.02 -34.96 -19.28
CA VAL A 941 -1.18 -34.32 -19.83
C VAL A 941 -0.89 -33.59 -21.14
N ILE A 942 0.25 -32.91 -21.20
CA ILE A 942 0.68 -32.18 -22.40
C ILE A 942 0.72 -33.07 -23.66
N GLN A 943 1.19 -34.30 -23.51
CA GLN A 943 1.33 -35.26 -24.61
C GLN A 943 0.06 -36.09 -24.93
N GLN A 944 -1.08 -35.69 -24.37
CA GLN A 944 -2.37 -36.39 -24.55
C GLN A 944 -2.35 -37.83 -23.99
N GLY A 945 -1.65 -38.02 -22.87
CA GLY A 945 -1.62 -39.30 -22.16
C GLY A 945 -0.87 -40.43 -22.84
N LYS A 946 0.16 -40.09 -23.62
CA LYS A 946 0.97 -41.05 -24.36
C LYS A 946 2.38 -41.13 -23.76
N THR A 947 3.14 -42.14 -24.18
CA THR A 947 4.54 -42.31 -23.72
C THR A 947 5.44 -41.29 -24.41
N ASN A 948 5.48 -41.35 -25.75
CA ASN A 948 6.30 -40.45 -26.57
C ASN A 948 5.45 -39.72 -27.61
N ASN A 949 5.35 -38.40 -27.46
CA ASN A 949 4.63 -37.52 -28.37
C ASN A 949 5.53 -36.31 -28.69
N SER A 950 6.51 -36.55 -29.56
CA SER A 950 7.55 -35.55 -29.85
C SER A 950 7.02 -34.29 -30.54
N GLU A 951 5.98 -34.45 -31.38
CA GLU A 951 5.36 -33.33 -32.12
C GLU A 951 4.78 -32.29 -31.17
N LYS A 952 3.96 -32.76 -30.23
CA LYS A 952 3.36 -31.89 -29.19
C LYS A 952 4.40 -31.32 -28.24
N PHE A 953 5.25 -32.18 -27.69
CA PHE A 953 6.27 -31.75 -26.72
C PHE A 953 7.26 -30.69 -27.26
N GLU A 954 7.57 -30.73 -28.56
CA GLU A 954 8.38 -29.68 -29.19
C GLU A 954 7.68 -28.32 -29.23
N ARG A 955 6.36 -28.33 -29.45
CA ARG A 955 5.55 -27.12 -29.41
C ARG A 955 5.57 -26.51 -28.01
N PHE A 956 5.51 -27.37 -26.99
CA PHE A 956 5.66 -26.96 -25.58
C PHE A 956 7.06 -26.41 -25.29
N ARG A 957 8.08 -27.11 -25.76
CA ARG A 957 9.48 -26.63 -25.72
C ARG A 957 9.59 -25.22 -26.33
N GLY A 958 8.92 -25.01 -27.47
CA GLY A 958 8.94 -23.74 -28.18
C GLY A 958 8.25 -22.61 -27.43
N TYR A 959 7.10 -22.91 -26.84
CA TYR A 959 6.39 -21.93 -26.00
C TYR A 959 7.27 -21.43 -24.87
N CYS A 960 7.96 -22.36 -24.18
CA CYS A 960 8.89 -22.00 -23.11
C CYS A 960 10.06 -21.15 -23.61
N GLU A 961 10.69 -21.58 -24.69
CA GLU A 961 11.81 -20.84 -25.27
C GLU A 961 11.38 -19.43 -25.69
N ARG A 962 10.23 -19.33 -26.37
CA ARG A 962 9.71 -18.04 -26.83
C ARG A 962 9.30 -17.15 -25.66
N ALA A 963 8.57 -17.72 -24.71
CA ALA A 963 8.19 -17.03 -23.47
C ALA A 963 9.40 -16.46 -22.74
N TYR A 964 10.40 -17.31 -22.52
CA TYR A 964 11.65 -16.91 -21.86
C TYR A 964 12.43 -15.86 -22.65
N THR A 965 12.46 -15.98 -23.98
CA THR A 965 13.17 -15.02 -24.85
C THR A 965 12.54 -13.63 -24.78
N ILE A 966 11.21 -13.57 -24.74
CA ILE A 966 10.47 -12.30 -24.65
C ILE A 966 10.71 -11.55 -23.32
N LEU A 967 10.72 -12.27 -22.20
CA LEU A 967 11.07 -11.66 -20.92
C LEU A 967 12.48 -11.07 -20.91
N ARG A 968 13.45 -11.76 -21.54
CA ARG A 968 14.83 -11.26 -21.68
C ARG A 968 14.90 -9.92 -22.40
N ARG A 969 14.04 -9.72 -23.41
CA ARG A 969 13.97 -8.44 -24.12
C ARG A 969 13.56 -7.27 -23.20
N HIS A 970 12.80 -7.55 -22.14
CA HIS A 970 12.38 -6.55 -21.14
C HIS A 970 12.97 -6.82 -19.78
N GLY A 971 14.18 -7.36 -19.74
CA GLY A 971 14.81 -7.77 -18.49
C GLY A 971 15.10 -6.62 -17.55
N LEU A 972 15.59 -5.52 -18.10
CA LEU A 972 15.85 -4.29 -17.34
C LEU A 972 14.57 -3.70 -16.69
N LEU A 973 13.42 -3.87 -17.33
CA LEU A 973 12.14 -3.43 -16.75
C LEU A 973 11.88 -4.14 -15.42
N PHE A 974 12.06 -5.46 -15.41
CA PHE A 974 11.93 -6.25 -14.19
C PHE A 974 12.98 -5.84 -13.14
N LEU A 975 14.21 -5.56 -13.56
CA LEU A 975 15.27 -5.19 -12.61
C LEU A 975 14.94 -3.85 -11.95
N HIS A 976 14.56 -2.87 -12.78
CA HIS A 976 14.17 -1.55 -12.30
C HIS A 976 12.96 -1.58 -11.41
N LEU A 977 11.94 -2.35 -11.80
CA LEU A 977 10.70 -2.43 -11.00
C LEU A 977 10.99 -3.09 -9.66
N PHE A 978 11.75 -4.19 -9.68
CA PHE A 978 12.17 -4.86 -8.44
C PHE A 978 13.06 -3.96 -7.56
N ALA A 979 13.94 -3.18 -8.17
CA ALA A 979 14.79 -2.25 -7.43
C ALA A 979 13.94 -1.37 -6.53
N LEU A 980 12.91 -0.75 -7.11
CA LEU A 980 12.06 0.20 -6.39
C LEU A 980 11.23 -0.48 -5.29
N MET A 981 10.88 -1.75 -5.47
CA MET A 981 10.19 -2.53 -4.41
C MET A 981 11.01 -2.80 -3.16
N ARG A 982 12.31 -2.57 -3.21
CA ARG A 982 13.14 -2.67 -2.01
C ARG A 982 12.67 -1.68 -0.92
N ALA A 983 12.05 -0.58 -1.37
CA ALA A 983 11.35 0.37 -0.49
C ALA A 983 10.30 -0.29 0.44
N ALA A 984 9.58 -1.29 -0.08
CA ALA A 984 8.53 -2.01 0.66
C ALA A 984 8.99 -2.77 1.91
N GLY A 985 10.30 -2.92 2.11
CA GLY A 985 10.83 -3.61 3.28
C GLY A 985 10.46 -5.08 3.38
N LEU A 986 10.23 -5.73 2.24
CA LEU A 986 9.98 -7.17 2.21
C LEU A 986 11.28 -7.90 2.59
N PRO A 987 11.21 -8.87 3.52
CA PRO A 987 12.38 -9.66 3.90
C PRO A 987 13.17 -10.26 2.73
N GLU A 988 12.45 -10.80 1.74
CA GLU A 988 13.05 -11.46 0.56
C GLU A 988 13.38 -10.53 -0.63
N LEU A 989 13.12 -9.23 -0.49
CA LEU A 989 13.50 -8.25 -1.51
C LEU A 989 14.01 -6.99 -0.80
N SER A 990 15.28 -7.04 -0.40
CA SER A 990 15.89 -6.01 0.44
C SER A 990 17.36 -5.66 0.15
N CYS A 991 17.91 -6.11 -0.98
CA CYS A 991 19.33 -5.87 -1.28
C CYS A 991 19.67 -6.12 -2.75
N SER A 992 20.88 -5.71 -3.15
CA SER A 992 21.37 -5.85 -4.53
C SER A 992 21.46 -7.29 -5.03
N LYS A 993 21.73 -8.23 -4.13
CA LYS A 993 21.83 -9.66 -4.48
C LYS A 993 20.46 -10.28 -4.78
N ASP A 994 19.41 -9.77 -4.14
CA ASP A 994 18.03 -10.20 -4.44
C ASP A 994 17.60 -9.79 -5.85
N ILE A 995 18.15 -8.68 -6.34
CA ILE A 995 17.94 -8.23 -7.72
C ILE A 995 18.84 -9.01 -8.69
N GLN A 996 20.08 -9.28 -8.27
CA GLN A 996 21.04 -10.09 -9.04
C GLN A 996 20.47 -11.46 -9.45
N TYR A 997 19.60 -12.03 -8.61
CA TYR A 997 18.89 -13.28 -8.96
C TYR A 997 18.18 -13.19 -10.31
N LEU A 998 17.46 -12.09 -10.54
CA LEU A 998 16.78 -11.87 -11.82
C LEU A 998 17.76 -11.65 -12.97
N LYS A 999 18.90 -10.99 -12.71
CA LYS A 999 19.95 -10.83 -13.74
C LYS A 999 20.43 -12.20 -14.26
N ASP A 1000 20.66 -13.12 -13.33
CA ASP A 1000 21.14 -14.48 -13.64
C ASP A 1000 20.06 -15.33 -14.29
N SER A 1001 18.87 -15.39 -13.68
CA SER A 1001 17.78 -16.23 -14.21
C SER A 1001 17.34 -15.81 -15.62
N LEU A 1002 17.39 -14.52 -15.94
CA LEU A 1002 17.17 -14.03 -17.29
C LEU A 1002 18.48 -13.97 -18.10
N ALA A 1003 19.61 -14.16 -17.44
CA ALA A 1003 20.92 -14.25 -18.10
C ALA A 1003 21.21 -12.99 -18.94
N LEU A 1004 21.05 -11.82 -18.30
CA LEU A 1004 21.29 -10.54 -18.95
C LEU A 1004 22.77 -10.31 -19.28
N GLY A 1005 23.66 -10.89 -18.49
CA GLY A 1005 25.11 -10.82 -18.73
C GLY A 1005 25.60 -11.58 -19.96
N LYS A 1006 24.82 -12.56 -20.42
CA LYS A 1006 25.11 -13.32 -21.64
C LYS A 1006 24.37 -12.72 -22.85
N THR A 1007 24.77 -13.14 -24.05
CA THR A 1007 24.12 -12.74 -25.30
C THR A 1007 22.83 -13.54 -25.50
N GLU A 1008 22.06 -13.17 -26.54
CA GLU A 1008 20.75 -13.78 -26.81
C GLU A 1008 20.86 -15.24 -27.28
N GLU A 1009 21.87 -15.55 -28.09
CA GLU A 1009 22.14 -16.92 -28.53
C GLU A 1009 22.63 -17.78 -27.35
N GLU A 1010 23.63 -17.28 -26.64
CA GLU A 1010 24.22 -17.96 -25.47
C GLU A 1010 23.22 -18.21 -24.33
N ALA A 1011 22.27 -17.30 -24.15
CA ALA A 1011 21.24 -17.43 -23.11
C ALA A 1011 20.28 -18.58 -23.39
N LEU A 1012 19.82 -18.67 -24.64
CA LEU A 1012 18.90 -19.74 -25.07
C LEU A 1012 19.58 -21.12 -25.07
N LYS A 1013 20.88 -21.18 -25.34
CA LYS A 1013 21.64 -22.44 -25.21
C LYS A 1013 21.71 -22.92 -23.77
N HIS A 1014 21.86 -22.00 -22.81
CA HIS A 1014 21.86 -22.36 -21.40
C HIS A 1014 20.48 -22.78 -20.94
N PHE A 1015 19.44 -22.08 -21.39
CA PHE A 1015 18.04 -22.43 -21.11
C PHE A 1015 17.66 -23.83 -21.59
N ARG A 1016 18.16 -24.22 -22.77
CA ARG A 1016 17.97 -25.58 -23.30
C ARG A 1016 18.58 -26.62 -22.38
N VAL A 1017 19.77 -26.33 -21.85
CA VAL A 1017 20.47 -27.26 -20.96
C VAL A 1017 19.71 -27.41 -19.65
N LYS A 1018 19.20 -26.30 -19.12
CA LYS A 1018 18.31 -26.31 -17.94
C LYS A 1018 16.97 -27.01 -18.23
N PHE A 1019 16.44 -26.83 -19.43
CA PHE A 1019 15.18 -27.48 -19.83
C PHE A 1019 15.34 -29.00 -19.86
N ASN A 1020 16.28 -29.48 -20.68
CA ASN A 1020 16.54 -30.92 -20.85
C ASN A 1020 16.83 -31.63 -19.54
N GLU A 1021 17.71 -31.03 -18.73
CA GLU A 1021 18.01 -31.54 -17.39
C GLU A 1021 16.74 -31.66 -16.51
N ALA A 1022 15.84 -30.69 -16.64
CA ALA A 1022 14.52 -30.75 -16.00
C ALA A 1022 13.67 -31.90 -16.55
N LEU A 1023 13.69 -32.09 -17.87
CA LEU A 1023 12.97 -33.20 -18.50
C LEU A 1023 13.50 -34.56 -18.03
N ARG A 1024 14.81 -34.66 -17.83
CA ARG A 1024 15.43 -35.87 -17.28
C ARG A 1024 15.12 -36.04 -15.80
N GLU A 1025 15.24 -34.96 -15.03
CA GLU A 1025 15.00 -34.98 -13.58
C GLU A 1025 13.53 -35.23 -13.18
N SER A 1026 12.61 -35.02 -14.12
CA SER A 1026 11.18 -35.31 -13.91
C SER A 1026 10.88 -36.81 -13.69
N TRP A 1027 11.66 -37.68 -14.33
CA TRP A 1027 11.55 -39.14 -14.12
C TRP A 1027 12.15 -39.57 -12.81
N LYS A 1028 13.41 -39.20 -12.59
CA LYS A 1028 14.24 -39.70 -11.47
C LYS A 1028 13.68 -39.34 -10.08
N THR A 1029 14.13 -40.07 -9.07
CA THR A 1029 13.72 -39.93 -7.66
C THR A 1029 12.34 -40.59 -7.47
N LYS A 1030 12.38 -41.91 -7.21
CA LYS A 1030 11.19 -42.76 -7.07
C LYS A 1030 10.38 -42.84 -8.37
N ASP B 10 39.90 -26.38 14.93
CA ASP B 10 41.23 -26.86 14.51
C ASP B 10 41.11 -27.80 13.30
N ASN B 11 40.37 -28.89 13.48
CA ASN B 11 40.06 -29.83 12.40
C ASN B 11 38.67 -29.51 11.81
N ILE B 12 38.39 -30.05 10.63
CA ILE B 12 37.18 -29.72 9.89
C ILE B 12 35.90 -30.25 10.56
N GLU B 13 35.98 -31.42 11.17
CA GLU B 13 34.85 -31.98 11.92
C GLU B 13 34.50 -31.14 13.16
N ALA B 14 35.53 -30.78 13.94
CA ALA B 14 35.34 -30.02 15.17
C ALA B 14 34.84 -28.58 14.94
N VAL B 15 35.29 -27.96 13.84
CA VAL B 15 34.81 -26.63 13.44
C VAL B 15 33.39 -26.70 12.89
N GLY B 16 33.14 -27.67 12.02
CA GLY B 16 31.79 -27.93 11.48
C GLY B 16 30.78 -28.31 12.56
N LYS B 17 31.24 -29.05 13.56
CA LYS B 17 30.42 -29.36 14.74
C LYS B 17 30.09 -28.11 15.54
N LYS B 18 31.04 -27.16 15.59
CA LYS B 18 30.82 -25.87 16.26
C LYS B 18 29.92 -24.95 15.43
N LEU B 19 30.13 -24.91 14.11
CA LEU B 19 29.24 -24.22 13.17
C LEU B 19 27.77 -24.64 13.34
N HIS B 20 27.52 -25.90 13.67
CA HIS B 20 26.16 -26.40 13.87
C HIS B 20 25.58 -25.92 15.17
N GLU B 21 26.36 -26.02 16.25
CA GLU B 21 25.95 -25.55 17.57
C GLU B 21 25.69 -24.04 17.60
N TYR B 22 26.60 -23.26 17.00
CA TYR B 22 26.47 -21.79 16.94
C TYR B 22 25.33 -21.32 16.05
N ASN B 23 25.03 -22.06 14.98
CA ASN B 23 23.89 -21.72 14.10
C ASN B 23 22.55 -21.98 14.79
N THR B 24 22.43 -23.11 15.48
CA THR B 24 21.25 -23.42 16.30
C THR B 24 21.00 -22.33 17.34
N GLN B 25 22.05 -21.92 18.05
CA GLN B 25 21.97 -20.83 19.03
C GLN B 25 21.57 -19.49 18.41
N PHE B 26 22.07 -19.22 17.21
CA PHE B 26 21.68 -18.02 16.44
C PHE B 26 20.22 -18.07 16.00
N GLN B 27 19.74 -19.25 15.60
CA GLN B 27 18.34 -19.44 15.18
C GLN B 27 17.37 -19.28 16.36
N GLU B 28 17.75 -19.80 17.52
CA GLU B 28 16.94 -19.67 18.75
C GLU B 28 16.88 -18.21 19.22
N LYS B 29 18.02 -17.52 19.19
CA LYS B 29 18.10 -16.12 19.60
C LYS B 29 17.37 -15.22 18.60
N SER B 30 17.46 -15.52 17.31
CA SER B 30 16.68 -14.82 16.28
C SER B 30 15.16 -14.93 16.47
N ARG B 31 14.70 -16.11 16.91
CA ARG B 31 13.27 -16.30 17.23
C ARG B 31 12.86 -15.46 18.44
N GLU B 32 13.69 -15.45 19.48
CA GLU B 32 13.39 -14.70 20.71
C GLU B 32 13.28 -13.19 20.44
N TYR B 33 14.18 -12.64 19.64
CA TYR B 33 14.11 -11.23 19.25
C TYR B 33 12.87 -10.92 18.42
N ASP B 34 12.66 -11.73 17.38
CA ASP B 34 11.48 -11.58 16.49
C ASP B 34 10.15 -11.74 17.24
N ARG B 35 10.14 -12.52 18.32
CA ARG B 35 8.97 -12.65 19.19
C ARG B 35 8.78 -11.38 20.03
N LEU B 36 9.87 -10.88 20.62
CA LEU B 36 9.85 -9.64 21.38
C LEU B 36 9.53 -8.42 20.51
N TYR B 37 9.98 -8.43 19.26
CA TYR B 37 9.69 -7.34 18.32
C TYR B 37 8.22 -7.28 17.93
N GLU B 38 7.58 -8.45 17.81
CA GLU B 38 6.12 -8.50 17.62
C GLU B 38 5.40 -7.78 18.77
N ASP B 39 5.87 -8.01 20.00
CA ASP B 39 5.31 -7.34 21.17
C ASP B 39 5.60 -5.82 21.19
N TYR B 40 6.78 -5.40 20.74
CA TYR B 40 7.09 -3.95 20.59
C TYR B 40 6.11 -3.28 19.64
N THR B 41 5.82 -3.90 18.50
CA THR B 41 4.87 -3.31 17.54
C THR B 41 3.45 -3.35 18.07
N ARG B 42 3.03 -4.49 18.60
CA ARG B 42 1.68 -4.66 19.16
C ARG B 42 1.43 -3.62 20.27
N THR B 43 2.38 -3.54 21.22
CA THR B 43 2.32 -2.56 22.29
C THR B 43 2.35 -1.12 21.74
N SER B 44 3.15 -0.89 20.70
CA SER B 44 3.23 0.45 20.07
C SER B 44 1.87 0.89 19.50
N GLN B 45 1.14 -0.05 18.88
CA GLN B 45 -0.19 0.23 18.33
C GLN B 45 -1.24 0.44 19.43
N GLU B 46 -1.15 -0.35 20.51
CA GLU B 46 -2.10 -0.24 21.63
C GLU B 46 -1.97 1.09 22.37
N ILE B 47 -0.74 1.56 22.58
CA ILE B 47 -0.50 2.85 23.24
C ILE B 47 -1.04 4.02 22.40
N GLN B 48 -0.87 3.96 21.08
CA GLN B 48 -1.42 5.00 20.20
C GLN B 48 -2.96 4.99 20.17
N MET B 49 -3.54 3.79 20.25
CA MET B 49 -4.99 3.64 20.40
C MET B 49 -5.47 4.19 21.74
N LYS B 50 -4.73 3.88 22.81
CA LYS B 50 -5.03 4.44 24.13
C LYS B 50 -4.90 5.95 24.12
N ARG B 51 -3.85 6.47 23.49
CA ARG B 51 -3.66 7.93 23.33
C ARG B 51 -4.81 8.63 22.60
N THR B 52 -5.30 8.06 21.49
CA THR B 52 -6.47 8.63 20.79
C THR B 52 -7.77 8.51 21.62
N ALA B 53 -7.92 7.41 22.35
CA ALA B 53 -9.07 7.20 23.22
C ALA B 53 -9.13 8.27 24.32
N ILE B 54 -7.96 8.65 24.84
CA ILE B 54 -7.86 9.72 25.84
C ILE B 54 -8.27 11.06 25.23
N GLU B 55 -7.80 11.34 24.01
CA GLU B 55 -8.24 12.53 23.28
C GLU B 55 -9.75 12.49 23.04
N ALA B 56 -10.28 11.29 22.78
CA ALA B 56 -11.73 11.08 22.64
C ALA B 56 -12.47 11.39 23.94
N PHE B 57 -11.91 10.98 25.08
CA PHE B 57 -12.45 11.31 26.41
C PHE B 57 -12.43 12.81 26.67
N ASN B 58 -11.29 13.45 26.37
CA ASN B 58 -11.13 14.89 26.51
C ASN B 58 -12.15 15.65 25.69
N GLU B 59 -12.36 15.21 24.46
CA GLU B 59 -13.32 15.84 23.55
C GLU B 59 -14.77 15.65 24.04
N THR B 60 -15.04 14.49 24.63
CA THR B 60 -16.36 14.18 25.20
C THR B 60 -16.61 15.04 26.43
N ILE B 61 -15.68 14.98 27.38
CA ILE B 61 -15.71 15.81 28.58
C ILE B 61 -15.90 17.28 28.21
N LYS B 62 -15.15 17.74 27.22
CA LYS B 62 -15.23 19.13 26.73
C LYS B 62 -16.65 19.50 26.28
N ILE B 63 -17.30 18.61 25.53
CA ILE B 63 -18.70 18.78 25.11
C ILE B 63 -19.67 18.89 26.30
N PHE B 64 -19.42 18.10 27.36
CA PHE B 64 -20.22 18.18 28.60
C PHE B 64 -20.02 19.52 29.34
N GLU B 65 -18.83 20.10 29.24
CA GLU B 65 -18.51 21.36 29.92
C GLU B 65 -19.11 22.55 29.17
N GLU B 66 -19.25 22.43 27.84
CA GLU B 66 -20.02 23.38 27.05
C GLU B 66 -21.50 23.34 27.39
N GLN B 67 -21.99 22.14 27.74
CA GLN B 67 -23.38 21.96 28.15
C GLN B 67 -23.65 22.68 29.47
N CYS B 68 -22.71 22.62 30.41
CA CYS B 68 -22.82 23.38 31.66
C CYS B 68 -22.82 24.89 31.42
N GLN B 69 -21.88 25.37 30.63
CA GLN B 69 -21.83 26.78 30.21
C GLN B 69 -23.20 27.21 29.65
N THR B 70 -23.74 26.43 28.71
CA THR B 70 -25.07 26.67 28.14
C THR B 70 -26.16 26.63 29.21
N GLN B 71 -26.15 25.58 30.04
CA GLN B 71 -27.12 25.43 31.14
C GLN B 71 -27.19 26.67 32.04
N GLU B 72 -26.05 27.23 32.41
CA GLU B 72 -25.98 28.39 33.30
C GLU B 72 -26.41 29.68 32.58
N ARG B 73 -25.81 29.93 31.41
CA ARG B 73 -26.17 31.10 30.59
C ARG B 73 -27.65 31.06 30.19
N TYR B 74 -28.13 29.90 29.74
CA TYR B 74 -29.52 29.77 29.30
C TYR B 74 -30.52 29.78 30.47
N SER B 75 -30.12 29.29 31.64
CA SER B 75 -30.98 29.33 32.83
C SER B 75 -31.16 30.76 33.31
N LYS B 76 -30.03 31.43 33.58
CA LYS B 76 -29.96 32.81 34.08
C LYS B 76 -31.03 33.75 33.52
N GLU B 77 -31.10 33.84 32.19
CA GLU B 77 -32.06 34.73 31.51
C GLU B 77 -33.50 34.23 31.62
N TYR B 78 -33.70 32.94 31.33
CA TYR B 78 -35.04 32.33 31.35
C TYR B 78 -35.63 32.18 32.76
N ILE B 79 -34.77 31.89 33.75
CA ILE B 79 -35.22 31.63 35.13
C ILE B 79 -35.92 32.83 35.79
N GLU B 80 -35.46 34.05 35.46
CA GLU B 80 -36.00 35.28 36.04
C GLU B 80 -37.49 35.55 35.70
N LYS B 81 -37.96 35.02 34.57
CA LYS B 81 -39.37 35.15 34.18
C LYS B 81 -40.34 34.41 35.12
N PHE B 82 -39.93 33.23 35.60
CA PHE B 82 -40.70 32.46 36.58
C PHE B 82 -39.99 32.31 37.94
N LYS B 83 -38.94 33.10 38.17
CA LYS B 83 -38.30 33.23 39.49
C LYS B 83 -39.26 33.97 40.41
N ARG B 84 -40.01 33.20 41.21
CA ARG B 84 -40.97 33.72 42.19
C ARG B 84 -42.17 34.50 41.59
N GLU B 85 -42.31 34.48 40.27
CA GLU B 85 -43.38 35.18 39.57
C GLU B 85 -44.60 34.26 39.52
N GLY B 86 -44.37 33.02 39.09
CA GLY B 86 -45.37 31.96 39.08
C GLY B 86 -44.87 30.69 39.74
N ASN B 87 -44.33 29.78 38.92
CA ASN B 87 -43.99 28.41 39.35
C ASN B 87 -42.49 28.19 39.64
N GLU B 88 -42.18 27.94 40.91
CA GLU B 88 -40.84 27.51 41.34
C GLU B 88 -40.64 25.99 41.21
N THR B 89 -41.68 25.26 40.80
CA THR B 89 -41.56 23.85 40.44
C THR B 89 -40.67 23.67 39.19
N GLU B 90 -40.85 24.59 38.23
CA GLU B 90 -39.99 24.71 37.04
C GLU B 90 -38.50 24.87 37.36
N ILE B 91 -38.19 25.60 38.43
CA ILE B 91 -36.80 25.81 38.88
C ILE B 91 -36.19 24.50 39.39
N GLN B 92 -36.94 23.74 40.17
CA GLN B 92 -36.44 22.50 40.79
C GLN B 92 -36.16 21.38 39.77
N ARG B 93 -36.98 21.32 38.72
CA ARG B 93 -36.78 20.37 37.63
C ARG B 93 -35.50 20.65 36.86
N ILE B 94 -35.24 21.94 36.60
CA ILE B 94 -34.04 22.40 35.90
C ILE B 94 -32.76 22.11 36.68
N MET B 95 -32.73 22.43 37.97
CA MET B 95 -31.51 22.26 38.78
C MET B 95 -31.24 20.80 39.13
N HIS B 96 -32.30 20.02 39.35
CA HIS B 96 -32.16 18.57 39.50
C HIS B 96 -31.61 17.93 38.24
N ASN B 97 -32.11 18.36 37.08
CA ASN B 97 -31.58 17.96 35.77
C ASN B 97 -30.10 18.35 35.59
N TYR B 98 -29.72 19.50 36.13
CA TYR B 98 -28.33 19.99 36.08
C TYR B 98 -27.41 19.14 36.95
N GLU B 99 -27.86 18.79 38.17
CA GLU B 99 -27.08 17.88 39.03
C GLU B 99 -26.93 16.50 38.38
N LYS B 100 -27.91 16.09 37.57
CA LYS B 100 -27.84 14.84 36.82
C LYS B 100 -26.75 14.92 35.72
N LEU B 101 -26.59 16.08 35.10
CA LEU B 101 -25.52 16.33 34.11
C LEU B 101 -24.14 16.30 34.78
N LYS B 102 -23.95 17.11 35.81
CA LYS B 102 -22.67 17.14 36.55
C LYS B 102 -22.26 15.78 37.10
N SER B 103 -23.24 14.98 37.53
CA SER B 103 -23.00 13.64 38.07
C SER B 103 -22.48 12.67 37.00
N ARG B 104 -22.95 12.85 35.76
CA ARG B 104 -22.48 12.05 34.62
C ARG B 104 -21.03 12.39 34.26
N ILE B 105 -20.67 13.67 34.37
CA ILE B 105 -19.32 14.09 34.05
C ILE B 105 -18.30 13.35 34.93
N SER B 106 -18.58 13.27 36.23
CA SER B 106 -17.71 12.58 37.18
C SER B 106 -17.36 11.15 36.78
N GLU B 107 -18.34 10.42 36.24
CA GLU B 107 -18.14 9.05 35.74
C GLU B 107 -17.19 9.03 34.55
N ILE B 108 -17.48 9.86 33.56
CA ILE B 108 -16.63 9.99 32.36
C ILE B 108 -15.19 10.37 32.74
N VAL B 109 -15.04 11.34 33.63
CA VAL B 109 -13.73 11.68 34.20
C VAL B 109 -13.06 10.46 34.85
N ASP B 110 -13.83 9.68 35.63
CA ASP B 110 -13.33 8.46 36.28
C ASP B 110 -12.90 7.42 35.23
N SER B 111 -13.63 7.35 34.12
CA SER B 111 -13.26 6.48 33.01
C SER B 111 -12.04 6.99 32.26
N ARG B 112 -11.90 8.32 32.10
CA ARG B 112 -10.65 8.89 31.58
C ARG B 112 -9.47 8.58 32.51
N ARG B 113 -9.68 8.81 33.81
CA ARG B 113 -8.68 8.52 34.85
C ARG B 113 -8.14 7.07 34.78
N ARG B 114 -9.03 6.10 34.56
CA ARG B 114 -8.64 4.68 34.47
C ARG B 114 -7.78 4.38 33.24
N LEU B 115 -8.11 4.99 32.11
CA LEU B 115 -7.33 4.82 30.87
C LEU B 115 -5.94 5.47 30.97
N GLU B 116 -5.84 6.60 31.67
CA GLU B 116 -4.54 7.21 31.99
C GLU B 116 -3.66 6.25 32.80
N GLU B 117 -4.26 5.56 33.76
CA GLU B 117 -3.54 4.59 34.59
C GLU B 117 -3.02 3.38 33.81
N ASP B 118 -3.81 2.89 32.86
CA ASP B 118 -3.40 1.76 32.00
C ASP B 118 -2.33 2.17 30.98
N LEU B 119 -2.47 3.36 30.40
CA LEU B 119 -1.48 3.93 29.49
C LEU B 119 -0.12 4.11 30.18
N LYS B 120 -0.12 4.54 31.44
CA LYS B 120 1.10 4.65 32.24
C LYS B 120 1.73 3.27 32.43
N LYS B 121 0.91 2.30 32.85
CA LYS B 121 1.36 0.93 33.07
C LYS B 121 1.87 0.27 31.78
N GLN B 122 1.18 0.50 30.66
CA GLN B 122 1.62 -0.02 29.34
C GLN B 122 2.80 0.75 28.74
N ALA B 123 2.99 2.02 29.12
CA ALA B 123 4.18 2.78 28.71
C ALA B 123 5.42 2.15 29.34
N ALA B 124 5.32 1.77 30.62
CA ALA B 124 6.34 1.00 31.31
C ALA B 124 6.65 -0.34 30.60
N GLU B 125 5.60 -1.03 30.14
CA GLU B 125 5.74 -2.31 29.43
C GLU B 125 6.49 -2.13 28.13
N TYR B 126 6.02 -1.19 27.29
CA TYR B 126 6.72 -0.78 26.06
C TYR B 126 8.22 -0.62 26.33
N ARG B 127 8.53 0.08 27.41
CA ARG B 127 9.89 0.44 27.78
C ARG B 127 10.74 -0.78 28.20
N GLU B 128 10.11 -1.77 28.84
CA GLU B 128 10.80 -2.99 29.28
C GLU B 128 11.02 -3.99 28.12
N ILE B 129 10.13 -3.96 27.12
CA ILE B 129 10.33 -4.72 25.89
C ILE B 129 11.60 -4.20 25.21
N ASP B 130 11.61 -2.91 24.89
CA ASP B 130 12.78 -2.22 24.28
C ASP B 130 14.09 -2.48 25.04
N LYS B 131 14.04 -2.45 26.37
CA LYS B 131 15.23 -2.72 27.18
C LYS B 131 15.68 -4.18 27.04
N ARG B 132 14.72 -5.12 27.00
CA ARG B 132 15.04 -6.54 26.78
C ARG B 132 15.50 -6.81 25.34
N MET B 133 14.95 -6.06 24.38
CA MET B 133 15.41 -6.12 22.99
C MET B 133 16.88 -5.69 22.88
N ASN B 134 17.22 -4.57 23.51
CA ASN B 134 18.58 -4.02 23.44
C ASN B 134 19.63 -4.77 24.26
N SER B 135 19.20 -5.68 25.13
CA SER B 135 20.11 -6.60 25.81
C SER B 135 20.48 -7.78 24.91
N ILE B 136 19.50 -8.29 24.16
CA ILE B 136 19.72 -9.43 23.25
C ILE B 136 20.58 -9.10 22.01
N LYS B 137 20.34 -7.93 21.42
CA LYS B 137 21.04 -7.48 20.20
C LYS B 137 22.55 -7.81 20.09
N PRO B 138 23.34 -7.49 21.15
CA PRO B 138 24.77 -7.81 21.06
C PRO B 138 25.09 -9.30 20.93
N ASP B 139 24.32 -10.15 21.61
CA ASP B 139 24.49 -11.61 21.52
C ASP B 139 24.01 -12.16 20.18
N LEU B 140 22.88 -11.65 19.69
CA LEU B 140 22.35 -11.97 18.36
C LEU B 140 23.34 -11.62 17.26
N ILE B 141 23.96 -10.44 17.38
CA ILE B 141 24.96 -9.94 16.41
C ILE B 141 26.25 -10.73 16.51
N GLN B 142 26.73 -10.94 17.74
CA GLN B 142 27.96 -11.70 17.96
C GLN B 142 27.81 -13.18 17.58
N LEU B 143 26.60 -13.73 17.68
CA LEU B 143 26.30 -15.06 17.14
C LEU B 143 26.14 -15.08 15.62
N ARG B 144 25.76 -13.94 15.03
CA ARG B 144 25.74 -13.82 13.56
C ARG B 144 27.16 -13.82 12.98
N LYS B 145 28.06 -13.05 13.58
CA LYS B 145 29.45 -12.96 13.12
C LYS B 145 30.22 -14.26 13.33
N THR B 146 30.01 -14.90 14.47
CA THR B 146 30.68 -16.17 14.79
C THR B 146 30.28 -17.24 13.78
N ARG B 147 28.98 -17.42 13.59
CA ARG B 147 28.43 -18.31 12.56
C ARG B 147 29.06 -18.04 11.19
N ASP B 148 29.17 -16.77 10.80
CA ASP B 148 29.72 -16.41 9.49
C ASP B 148 31.23 -16.66 9.34
N GLN B 149 32.00 -16.39 10.39
CA GLN B 149 33.45 -16.64 10.39
C GLN B 149 33.79 -18.12 10.20
N TYR B 150 33.03 -18.99 10.88
CA TYR B 150 33.19 -20.44 10.76
C TYR B 150 32.84 -20.91 9.34
N LEU B 151 31.76 -20.38 8.78
CA LEU B 151 31.41 -20.64 7.36
C LEU B 151 32.52 -20.22 6.40
N MET B 152 33.12 -19.07 6.66
CA MET B 152 34.21 -18.54 5.84
C MET B 152 35.46 -19.41 5.99
N TRP B 153 35.71 -19.89 7.21
CA TRP B 153 36.87 -20.73 7.52
C TRP B 153 36.79 -22.07 6.84
N LEU B 154 35.61 -22.71 6.90
CA LEU B 154 35.42 -24.01 6.27
C LEU B 154 35.40 -23.93 4.73
N THR B 155 34.88 -22.82 4.18
CA THR B 155 34.93 -22.57 2.73
C THR B 155 36.37 -22.40 2.23
N GLN B 156 37.18 -21.64 2.95
CA GLN B 156 38.62 -21.52 2.68
C GLN B 156 39.32 -22.88 2.72
N LYS B 157 39.03 -23.66 3.77
CA LYS B 157 39.59 -25.02 3.91
C LYS B 157 39.14 -25.96 2.78
N GLY B 158 38.10 -25.57 2.06
CA GLY B 158 37.65 -26.25 0.85
C GLY B 158 36.52 -27.21 1.10
N VAL B 159 35.75 -26.97 2.16
CA VAL B 159 34.66 -27.87 2.53
C VAL B 159 33.51 -27.63 1.56
N ARG B 160 32.95 -28.74 1.06
CA ARG B 160 31.98 -28.70 -0.02
C ARG B 160 30.66 -28.16 0.50
N GLN B 161 29.88 -27.56 -0.39
CA GLN B 161 28.62 -26.90 0.00
C GLN B 161 27.61 -27.87 0.63
N LYS B 162 27.57 -29.10 0.15
CA LYS B 162 26.72 -30.15 0.72
C LYS B 162 26.98 -30.34 2.21
N LYS B 163 28.25 -30.43 2.59
CA LYS B 163 28.62 -30.67 3.99
C LYS B 163 28.30 -29.46 4.89
N LEU B 164 28.38 -28.24 4.33
CA LEU B 164 27.98 -27.03 5.08
C LEU B 164 26.48 -26.99 5.35
N ASN B 165 25.68 -27.40 4.37
CA ASN B 165 24.22 -27.41 4.49
C ASN B 165 23.72 -28.26 5.65
N GLU B 166 24.25 -29.48 5.77
CA GLU B 166 23.88 -30.39 6.88
C GLU B 166 24.21 -29.85 8.28
N TRP B 167 25.25 -29.01 8.39
CA TRP B 167 25.58 -28.33 9.64
C TRP B 167 24.67 -27.17 9.90
N LEU B 168 24.39 -26.37 8.87
CA LEU B 168 23.46 -25.23 9.02
C LEU B 168 22.02 -25.73 9.16
N GLY B 169 21.61 -25.98 10.41
CA GLY B 169 20.29 -26.54 10.71
C GLY B 169 20.21 -28.03 10.38
C2 A1IJ1 C . -4.95 -16.66 -1.15
C3 A1IJ1 C . -5.80 -17.62 -1.66
C4 A1IJ1 C . -5.73 -17.99 -3.02
C5 A1IJ1 C . -4.80 -17.38 -3.86
C6 A1IJ1 C . -3.94 -16.42 -3.33
C8 A1IJ1 C . -4.01 -16.07 -1.97
N10 A1IJ1 C . -6.80 -20.17 -2.78
C12 A1IJ1 C . -8.35 -20.32 -4.38
N13 A1IJ1 C . -9.33 -20.61 -5.23
C16 A1IJ1 C . -8.10 -18.17 -5.50
C18 A1IJ1 C . -7.69 -19.06 -4.49
C19 A1IJ1 C . -8.17 -22.28 -2.83
C21 A1IJ1 C . -9.12 -21.96 -1.68
C23 A1IJ1 C . -9.32 -20.59 0.28
C27 A1IJ1 C . -12.66 -21.30 1.89
C30 A1IJ1 C . -11.17 -22.15 -0.33
C31 A1IJ1 C . -10.33 -22.57 -1.49
C32 A1IJ1 C . -10.84 -23.64 -2.37
C33 A1IJ1 C . -10.69 -24.90 -1.99
C34 A1IJ1 C . -11.20 -26.06 -2.80
C36 A1IJ1 C . -12.75 -26.71 -4.57
C37 A1IJ1 C . -11.75 -24.49 -4.57
C38 A1IJ1 C . -11.54 -23.27 -3.65
F1 A1IJ1 C . -5.02 -16.33 0.17
O7 A1IJ1 C . -3.01 -15.80 -4.12
C9 A1IJ1 C . -6.69 -19.03 -3.42
N11 A1IJ1 C . -7.79 -20.97 -3.34
C14 A1IJ1 C . -9.68 -19.74 -6.16
N15 A1IJ1 C . -9.09 -18.55 -6.31
N17 A1IJ1 C . -7.49 -16.96 -5.65
C20 A1IJ1 C . -6.94 -23.03 -2.32
O22 A1IJ1 C . -8.68 -20.98 -0.85
O24 A1IJ1 C . -8.78 -19.78 1.03
C25 A1IJ1 C . -10.65 -21.15 0.56
C26 A1IJ1 C . -11.42 -20.74 1.66
C28 A1IJ1 C . -13.16 -22.26 1.03
C29 A1IJ1 C . -12.43 -22.68 -0.07
N35 A1IJ1 C . -12.25 -25.60 -3.74
CL CL D . -14.97 2.78 26.21
#